data_2RPK
# 
_entry.id   2RPK 
# 
_audit_conform.dict_name       mmcif_pdbx.dic 
_audit_conform.dict_version    5.392 
_audit_conform.dict_location   http://mmcif.pdb.org/dictionaries/ascii/mmcif_pdbx.dic 
# 
loop_
_database_2.database_id 
_database_2.database_code 
_database_2.pdbx_database_accession 
_database_2.pdbx_DOI 
PDB   2RPK         pdb_00002rpk 10.2210/pdb2rpk/pdb 
RCSB  RCSB150130   ?            ?                   
WWPDB D_1000150130 ?            ?                   
# 
loop_
_pdbx_audit_revision_history.ordinal 
_pdbx_audit_revision_history.data_content_type 
_pdbx_audit_revision_history.major_revision 
_pdbx_audit_revision_history.minor_revision 
_pdbx_audit_revision_history.revision_date 
1 'Structure model' 1 0 2008-12-30 
2 'Structure model' 1 1 2011-07-13 
3 'Structure model' 1 2 2022-03-16 
4 'Structure model' 1 3 2024-05-29 
# 
_pdbx_audit_revision_details.ordinal             1 
_pdbx_audit_revision_details.revision_ordinal    1 
_pdbx_audit_revision_details.data_content_type   'Structure model' 
_pdbx_audit_revision_details.provider            repository 
_pdbx_audit_revision_details.type                'Initial release' 
_pdbx_audit_revision_details.description         ? 
_pdbx_audit_revision_details.details             ? 
# 
loop_
_pdbx_audit_revision_group.ordinal 
_pdbx_audit_revision_group.revision_ordinal 
_pdbx_audit_revision_group.data_content_type 
_pdbx_audit_revision_group.group 
1 2 'Structure model' 'Version format compliance' 
2 3 'Structure model' 'Data collection'           
3 3 'Structure model' 'Database references'       
4 3 'Structure model' 'Derived calculations'      
5 4 'Structure model' 'Data collection'           
# 
loop_
_pdbx_audit_revision_category.ordinal 
_pdbx_audit_revision_category.revision_ordinal 
_pdbx_audit_revision_category.data_content_type 
_pdbx_audit_revision_category.category 
1 3 'Structure model' database_2            
2 3 'Structure model' pdbx_nmr_software     
3 3 'Structure model' pdbx_nmr_spectrometer 
4 3 'Structure model' pdbx_struct_assembly  
5 3 'Structure model' pdbx_struct_oper_list 
6 4 'Structure model' chem_comp_atom        
7 4 'Structure model' chem_comp_bond        
# 
loop_
_pdbx_audit_revision_item.ordinal 
_pdbx_audit_revision_item.revision_ordinal 
_pdbx_audit_revision_item.data_content_type 
_pdbx_audit_revision_item.item 
1 3 'Structure model' '_database_2.pdbx_DOI'                
2 3 'Structure model' '_database_2.pdbx_database_accession' 
3 3 'Structure model' '_pdbx_nmr_software.name'             
4 3 'Structure model' '_pdbx_nmr_spectrometer.model'        
# 
_pdbx_database_status.deposit_site                    BMRB 
_pdbx_database_status.entry_id                        2RPK 
_pdbx_database_status.process_site                    PDBJ 
_pdbx_database_status.recvd_initial_deposition_date   2008-05-28 
_pdbx_database_status.SG_entry                        . 
_pdbx_database_status.status_code                     REL 
_pdbx_database_status.status_code_mr                  REL 
_pdbx_database_status.status_code_sf                  ? 
_pdbx_database_status.pdb_format_compatible           Y 
_pdbx_database_status.status_code_cs                  ? 
_pdbx_database_status.status_code_nmr_data            ? 
_pdbx_database_status.methods_development_category    ? 
# 
_pdbx_database_related.content_type   unspecified 
_pdbx_database_related.db_id          2RO2 
_pdbx_database_related.db_name        PDB 
_pdbx_database_related.details        . 
# 
loop_
_audit_author.name 
_audit_author.pdbx_ordinal 
'Gallego, J.'    1 
'Dufour, D.'     2 
'de la Pena, M.' 3 
'Gago, S.'       4 
'Flores, R.'     5 
# 
_citation.id                        primary 
_citation.title                     
;Structure-function analysis of the ribozymes of chrysanthemum chlorotic mottle viroid: a loop-loop interaction motif conserved in most natural hammerheads
;
_citation.journal_abbrev            'Nucleic Acids Res.' 
_citation.journal_volume            37 
_citation.page_first                368 
_citation.page_last                 381 
_citation.year                      2009 
_citation.journal_id_ASTM           NARHAD 
_citation.country                   UK 
_citation.journal_id_ISSN           0305-1048 
_citation.journal_id_CSD            0389 
_citation.book_publisher            ? 
_citation.pdbx_database_id_PubMed   19043070 
_citation.pdbx_database_id_DOI      10.1093/nar/gkn918 
# 
loop_
_citation_author.citation_id 
_citation_author.name 
_citation_author.ordinal 
_citation_author.identifier_ORCID 
primary 'Dufour, D.'     1 ? 
primary 'de la Pena, M.' 2 ? 
primary 'Gago, S.'       3 ? 
primary 'Flores, R.'     4 ? 
primary 'Gallego, J.'    5 ? 
# 
_entity.id                         1 
_entity.type                       polymer 
_entity.src_method                 syn 
_entity.pdbx_description           
;RNA (5'-R(*GP*GP*GP*AP*UP*CP*CP*AP*UP*GP*AP*CP*AP*GP*GP*AP*UP*CP*CP*C)-3')
;
_entity.formula_weight             6421.895 
_entity.pdbx_number_of_molecules   1 
_entity.pdbx_ec                    ? 
_entity.pdbx_mutation              ? 
_entity.pdbx_fragment              ? 
_entity.details                    ? 
# 
_entity_poly.entity_id                      1 
_entity_poly.type                           polyribonucleotide 
_entity_poly.nstd_linkage                   no 
_entity_poly.nstd_monomer                   no 
_entity_poly.pdbx_seq_one_letter_code       GGGAUCCAUGACAGGAUCCC 
_entity_poly.pdbx_seq_one_letter_code_can   GGGAUCCAUGACAGGAUCCC 
_entity_poly.pdbx_strand_id                 A 
_entity_poly.pdbx_target_identifier         ? 
# 
loop_
_entity_poly_seq.entity_id 
_entity_poly_seq.num 
_entity_poly_seq.mon_id 
_entity_poly_seq.hetero 
1 1  G n 
1 2  G n 
1 3  G n 
1 4  A n 
1 5  U n 
1 6  C n 
1 7  C n 
1 8  A n 
1 9  U n 
1 10 G n 
1 11 A n 
1 12 C n 
1 13 A n 
1 14 G n 
1 15 G n 
1 16 A n 
1 17 U n 
1 18 C n 
1 19 C n 
1 20 C n 
# 
loop_
_chem_comp.id 
_chem_comp.type 
_chem_comp.mon_nstd_flag 
_chem_comp.name 
_chem_comp.pdbx_synonyms 
_chem_comp.formula 
_chem_comp.formula_weight 
A 'RNA linking' y "ADENOSINE-5'-MONOPHOSPHATE" ? 'C10 H14 N5 O7 P' 347.221 
C 'RNA linking' y "CYTIDINE-5'-MONOPHOSPHATE"  ? 'C9 H14 N3 O8 P'  323.197 
G 'RNA linking' y "GUANOSINE-5'-MONOPHOSPHATE" ? 'C10 H14 N5 O8 P' 363.221 
U 'RNA linking' y "URIDINE-5'-MONOPHOSPHATE"   ? 'C9 H13 N2 O9 P'  324.181 
# 
loop_
_pdbx_poly_seq_scheme.asym_id 
_pdbx_poly_seq_scheme.entity_id 
_pdbx_poly_seq_scheme.seq_id 
_pdbx_poly_seq_scheme.mon_id 
_pdbx_poly_seq_scheme.ndb_seq_num 
_pdbx_poly_seq_scheme.pdb_seq_num 
_pdbx_poly_seq_scheme.auth_seq_num 
_pdbx_poly_seq_scheme.pdb_mon_id 
_pdbx_poly_seq_scheme.auth_mon_id 
_pdbx_poly_seq_scheme.pdb_strand_id 
_pdbx_poly_seq_scheme.pdb_ins_code 
_pdbx_poly_seq_scheme.hetero 
A 1 1  G 1  1  1  G G A . n 
A 1 2  G 2  2  2  G G A . n 
A 1 3  G 3  3  3  G G A . n 
A 1 4  A 4  4  4  A A A . n 
A 1 5  U 5  5  5  U U A . n 
A 1 6  C 6  6  6  C C A . n 
A 1 7  C 7  7  7  C C A . n 
A 1 8  A 8  8  8  A A A . n 
A 1 9  U 9  9  9  U U A . n 
A 1 10 G 10 10 10 G G A . n 
A 1 11 A 11 11 11 A A A . n 
A 1 12 C 12 12 12 C C A . n 
A 1 13 A 13 13 13 A A A . n 
A 1 14 G 14 14 14 G G A . n 
A 1 15 G 15 15 15 G G A . n 
A 1 16 A 16 16 16 A A A . n 
A 1 17 U 17 17 17 U U A . n 
A 1 18 C 18 18 18 C C A . n 
A 1 19 C 19 19 19 C C A . n 
A 1 20 C 20 20 20 C C A . n 
# 
_exptl.absorpt_coefficient_mu     ? 
_exptl.absorpt_correction_T_max   ? 
_exptl.absorpt_correction_T_min   ? 
_exptl.absorpt_correction_type    ? 
_exptl.absorpt_process_details    ? 
_exptl.crystals_number            ? 
_exptl.details                    ? 
_exptl.entry_id                   2RPK 
_exptl.method                     'SOLUTION NMR' 
_exptl.method_details             ? 
# 
_struct.entry_id                  2RPK 
_struct.title                     'Solution Structure of Domain II of the Positive Polarity CCHMVD Hammerhead Ribozyme' 
_struct.pdbx_model_details        ? 
_struct.pdbx_CASP_flag            ? 
_struct.pdbx_model_type_details   'minimized average' 
# 
_struct_keywords.entry_id        2RPK 
_struct_keywords.pdbx_keywords   RNA 
_struct_keywords.text            'HAMMERHEAD RIBOZYME, VIROID, CCHMVD, HEXALOOP, RNA' 
# 
_struct_asym.id                            A 
_struct_asym.pdbx_blank_PDB_chainid_flag   N 
_struct_asym.pdbx_modified                 N 
_struct_asym.entity_id                     1 
_struct_asym.details                       ? 
# 
_struct_ref.id                         1 
_struct_ref.db_name                    PDB 
_struct_ref.db_code                    2RPK 
_struct_ref.pdbx_db_accession          2RPK 
_struct_ref.entity_id                  1 
_struct_ref.pdbx_align_begin           ? 
_struct_ref.pdbx_seq_one_letter_code   ? 
_struct_ref.pdbx_db_isoform            ? 
# 
_struct_ref_seq.align_id                      1 
_struct_ref_seq.ref_id                        1 
_struct_ref_seq.pdbx_PDB_id_code              2RPK 
_struct_ref_seq.pdbx_strand_id                A 
_struct_ref_seq.seq_align_beg                 1 
_struct_ref_seq.pdbx_seq_align_beg_ins_code   ? 
_struct_ref_seq.seq_align_end                 20 
_struct_ref_seq.pdbx_seq_align_end_ins_code   ? 
_struct_ref_seq.pdbx_db_accession             2RPK 
_struct_ref_seq.db_align_beg                  1 
_struct_ref_seq.pdbx_db_align_beg_ins_code    ? 
_struct_ref_seq.db_align_end                  20 
_struct_ref_seq.pdbx_db_align_end_ins_code    ? 
_struct_ref_seq.pdbx_auth_seq_align_beg       1 
_struct_ref_seq.pdbx_auth_seq_align_end       20 
# 
_pdbx_struct_assembly.id                   1 
_pdbx_struct_assembly.details              author_defined_assembly 
_pdbx_struct_assembly.method_details       ? 
_pdbx_struct_assembly.oligomeric_details   monomeric 
_pdbx_struct_assembly.oligomeric_count     1 
# 
_pdbx_struct_assembly_gen.assembly_id       1 
_pdbx_struct_assembly_gen.oper_expression   1 
_pdbx_struct_assembly_gen.asym_id_list      A 
# 
_pdbx_struct_oper_list.id                   1 
_pdbx_struct_oper_list.type                 'identity operation' 
_pdbx_struct_oper_list.name                 1_555 
_pdbx_struct_oper_list.symmetry_operation   x,y,z 
_pdbx_struct_oper_list.matrix[1][1]         1.0000000000 
_pdbx_struct_oper_list.matrix[1][2]         0.0000000000 
_pdbx_struct_oper_list.matrix[1][3]         0.0000000000 
_pdbx_struct_oper_list.vector[1]            0.0000000000 
_pdbx_struct_oper_list.matrix[2][1]         0.0000000000 
_pdbx_struct_oper_list.matrix[2][2]         1.0000000000 
_pdbx_struct_oper_list.matrix[2][3]         0.0000000000 
_pdbx_struct_oper_list.vector[2]            0.0000000000 
_pdbx_struct_oper_list.matrix[3][1]         0.0000000000 
_pdbx_struct_oper_list.matrix[3][2]         0.0000000000 
_pdbx_struct_oper_list.matrix[3][3]         1.0000000000 
_pdbx_struct_oper_list.vector[3]            0.0000000000 
# 
_struct_biol.id        1 
_struct_biol.details   ? 
# 
loop_
_struct_conn.id 
_struct_conn.conn_type_id 
_struct_conn.pdbx_leaving_atom_flag 
_struct_conn.pdbx_PDB_id 
_struct_conn.ptnr1_label_asym_id 
_struct_conn.ptnr1_label_comp_id 
_struct_conn.ptnr1_label_seq_id 
_struct_conn.ptnr1_label_atom_id 
_struct_conn.pdbx_ptnr1_label_alt_id 
_struct_conn.pdbx_ptnr1_PDB_ins_code 
_struct_conn.pdbx_ptnr1_standard_comp_id 
_struct_conn.ptnr1_symmetry 
_struct_conn.ptnr2_label_asym_id 
_struct_conn.ptnr2_label_comp_id 
_struct_conn.ptnr2_label_seq_id 
_struct_conn.ptnr2_label_atom_id 
_struct_conn.pdbx_ptnr2_label_alt_id 
_struct_conn.pdbx_ptnr2_PDB_ins_code 
_struct_conn.ptnr1_auth_asym_id 
_struct_conn.ptnr1_auth_comp_id 
_struct_conn.ptnr1_auth_seq_id 
_struct_conn.ptnr2_auth_asym_id 
_struct_conn.ptnr2_auth_comp_id 
_struct_conn.ptnr2_auth_seq_id 
_struct_conn.ptnr2_symmetry 
_struct_conn.pdbx_ptnr3_label_atom_id 
_struct_conn.pdbx_ptnr3_label_seq_id 
_struct_conn.pdbx_ptnr3_label_comp_id 
_struct_conn.pdbx_ptnr3_label_asym_id 
_struct_conn.pdbx_ptnr3_label_alt_id 
_struct_conn.pdbx_ptnr3_PDB_ins_code 
_struct_conn.details 
_struct_conn.pdbx_dist_value 
_struct_conn.pdbx_value_order 
_struct_conn.pdbx_role 
hydrog1  hydrog ? ? A G 1 N1 ? ? ? 1_555 A C 20 N3 ? ? A G 1 A C 20 1_555 ? ? ? ? ? ? WATSON-CRICK ? ? ? 
hydrog2  hydrog ? ? A G 1 N2 ? ? ? 1_555 A C 20 O2 ? ? A G 1 A C 20 1_555 ? ? ? ? ? ? WATSON-CRICK ? ? ? 
hydrog3  hydrog ? ? A G 1 O6 ? ? ? 1_555 A C 20 N4 ? ? A G 1 A C 20 1_555 ? ? ? ? ? ? WATSON-CRICK ? ? ? 
hydrog4  hydrog ? ? A G 2 N1 ? ? ? 1_555 A C 19 N3 ? ? A G 2 A C 19 1_555 ? ? ? ? ? ? WATSON-CRICK ? ? ? 
hydrog5  hydrog ? ? A G 2 N2 ? ? ? 1_555 A C 19 O2 ? ? A G 2 A C 19 1_555 ? ? ? ? ? ? WATSON-CRICK ? ? ? 
hydrog6  hydrog ? ? A G 2 O6 ? ? ? 1_555 A C 19 N4 ? ? A G 2 A C 19 1_555 ? ? ? ? ? ? WATSON-CRICK ? ? ? 
hydrog7  hydrog ? ? A G 3 N1 ? ? ? 1_555 A C 18 N3 ? ? A G 3 A C 18 1_555 ? ? ? ? ? ? WATSON-CRICK ? ? ? 
hydrog8  hydrog ? ? A G 3 N2 ? ? ? 1_555 A C 18 O2 ? ? A G 3 A C 18 1_555 ? ? ? ? ? ? WATSON-CRICK ? ? ? 
hydrog9  hydrog ? ? A G 3 O6 ? ? ? 1_555 A C 18 N4 ? ? A G 3 A C 18 1_555 ? ? ? ? ? ? WATSON-CRICK ? ? ? 
hydrog10 hydrog ? ? A A 4 N1 ? ? ? 1_555 A U 17 N3 ? ? A A 4 A U 17 1_555 ? ? ? ? ? ? WATSON-CRICK ? ? ? 
hydrog11 hydrog ? ? A A 4 N6 ? ? ? 1_555 A U 17 O4 ? ? A A 4 A U 17 1_555 ? ? ? ? ? ? WATSON-CRICK ? ? ? 
hydrog12 hydrog ? ? A U 5 N3 ? ? ? 1_555 A A 16 N1 ? ? A U 5 A A 16 1_555 ? ? ? ? ? ? WATSON-CRICK ? ? ? 
hydrog13 hydrog ? ? A U 5 O4 ? ? ? 1_555 A A 16 N6 ? ? A U 5 A A 16 1_555 ? ? ? ? ? ? WATSON-CRICK ? ? ? 
hydrog14 hydrog ? ? A C 6 N3 ? ? ? 1_555 A G 15 N1 ? ? A C 6 A G 15 1_555 ? ? ? ? ? ? WATSON-CRICK ? ? ? 
hydrog15 hydrog ? ? A C 6 N4 ? ? ? 1_555 A G 15 O6 ? ? A C 6 A G 15 1_555 ? ? ? ? ? ? WATSON-CRICK ? ? ? 
hydrog16 hydrog ? ? A C 6 O2 ? ? ? 1_555 A G 15 N2 ? ? A C 6 A G 15 1_555 ? ? ? ? ? ? WATSON-CRICK ? ? ? 
hydrog17 hydrog ? ? A C 7 N3 ? ? ? 1_555 A G 14 N1 ? ? A C 7 A G 14 1_555 ? ? ? ? ? ? WATSON-CRICK ? ? ? 
hydrog18 hydrog ? ? A C 7 N4 ? ? ? 1_555 A G 14 O6 ? ? A C 7 A G 14 1_555 ? ? ? ? ? ? WATSON-CRICK ? ? ? 
hydrog19 hydrog ? ? A C 7 O2 ? ? ? 1_555 A G 14 N2 ? ? A C 7 A G 14 1_555 ? ? ? ? ? ? WATSON-CRICK ? ? ? 
hydrog20 hydrog ? ? A U 9 O2 ? ? ? 1_555 A A 13 N6 ? ? A U 9 A A 13 1_555 ? ? ? ? ? ? 'U-A PAIR'   ? ? ? 
# 
_struct_conn_type.id          hydrog 
_struct_conn_type.criteria    ? 
_struct_conn_type.reference   ? 
# 
loop_
_pdbx_validate_rmsd_angle.id 
_pdbx_validate_rmsd_angle.PDB_model_num 
_pdbx_validate_rmsd_angle.auth_atom_id_1 
_pdbx_validate_rmsd_angle.auth_asym_id_1 
_pdbx_validate_rmsd_angle.auth_comp_id_1 
_pdbx_validate_rmsd_angle.auth_seq_id_1 
_pdbx_validate_rmsd_angle.PDB_ins_code_1 
_pdbx_validate_rmsd_angle.label_alt_id_1 
_pdbx_validate_rmsd_angle.auth_atom_id_2 
_pdbx_validate_rmsd_angle.auth_asym_id_2 
_pdbx_validate_rmsd_angle.auth_comp_id_2 
_pdbx_validate_rmsd_angle.auth_seq_id_2 
_pdbx_validate_rmsd_angle.PDB_ins_code_2 
_pdbx_validate_rmsd_angle.label_alt_id_2 
_pdbx_validate_rmsd_angle.auth_atom_id_3 
_pdbx_validate_rmsd_angle.auth_asym_id_3 
_pdbx_validate_rmsd_angle.auth_comp_id_3 
_pdbx_validate_rmsd_angle.auth_seq_id_3 
_pdbx_validate_rmsd_angle.PDB_ins_code_3 
_pdbx_validate_rmsd_angle.label_alt_id_3 
_pdbx_validate_rmsd_angle.angle_value 
_pdbx_validate_rmsd_angle.angle_target_value 
_pdbx_validate_rmsd_angle.angle_deviation 
_pdbx_validate_rmsd_angle.angle_standard_deviation 
_pdbx_validate_rmsd_angle.linker_flag 
1  1 C4    A A 4  ? ? C5    A A 4  ? ? C6 A A 4  ? ? 113.98 117.00 -3.02 0.50 N 
2  1 C5    A A 4  ? ? C6    A A 4  ? ? N1 A A 4  ? ? 121.01 117.70 3.31  0.50 N 
3  1 N1    A A 4  ? ? C6    A A 4  ? ? N6 A A 4  ? ? 113.69 118.60 -4.91 0.60 N 
4  1 N3    A C 6  ? ? C2    A C 6  ? ? O2 A C 6  ? ? 117.04 121.90 -4.86 0.70 N 
5  1 N3    A C 7  ? ? C2    A C 7  ? ? O2 A C 7  ? ? 116.92 121.90 -4.98 0.70 N 
6  1 C4    A A 8  ? ? C5    A A 8  ? ? C6 A A 8  ? ? 113.51 117.00 -3.49 0.50 N 
7  1 C5    A A 8  ? ? C6    A A 8  ? ? N1 A A 8  ? ? 121.31 117.70 3.61  0.50 N 
8  1 N1    A A 8  ? ? C6    A A 8  ? ? N6 A A 8  ? ? 113.04 118.60 -5.56 0.60 N 
9  1 "O4'" A G 10 ? ? "C1'" A G 10 ? ? N9 A G 10 ? ? 113.32 108.50 4.82  0.70 N 
10 1 C5    A A 11 ? ? C6    A A 11 ? ? N1 A A 11 ? ? 121.23 117.70 3.53  0.50 N 
11 1 N1    A A 11 ? ? C6    A A 11 ? ? N6 A A 11 ? ? 113.51 118.60 -5.09 0.60 N 
12 1 "O4'" A C 12 ? ? "C1'" A C 12 ? ? N1 A C 12 ? ? 112.93 108.50 4.43  0.70 N 
13 1 N3    A C 12 ? ? C2    A C 12 ? ? O2 A C 12 ? ? 117.33 121.90 -4.57 0.70 N 
14 1 C4    A A 13 ? ? C5    A A 13 ? ? C6 A A 13 ? ? 113.87 117.00 -3.13 0.50 N 
15 1 C5    A A 13 ? ? C6    A A 13 ? ? N1 A A 13 ? ? 121.60 117.70 3.90  0.50 N 
16 1 N1    A A 13 ? ? C6    A A 13 ? ? N6 A A 13 ? ? 113.59 118.60 -5.01 0.60 N 
17 1 C4    A A 16 ? ? C5    A A 16 ? ? C6 A A 16 ? ? 113.84 117.00 -3.16 0.50 N 
18 1 C5    A A 16 ? ? C6    A A 16 ? ? N1 A A 16 ? ? 121.11 117.70 3.41  0.50 N 
19 1 N1    A A 16 ? ? C6    A A 16 ? ? N6 A A 16 ? ? 113.57 118.60 -5.03 0.60 N 
20 1 N3    A C 18 ? ? C2    A C 18 ? ? O2 A C 18 ? ? 116.98 121.90 -4.92 0.70 N 
21 1 N3    A C 19 ? ? C2    A C 19 ? ? O2 A C 19 ? ? 116.87 121.90 -5.03 0.70 N 
22 1 N3    A C 20 ? ? C2    A C 20 ? ? O2 A C 20 ? ? 116.90 121.90 -5.00 0.70 N 
# 
_pdbx_validate_planes.id              1 
_pdbx_validate_planes.PDB_model_num   1 
_pdbx_validate_planes.auth_comp_id    A 
_pdbx_validate_planes.auth_asym_id    A 
_pdbx_validate_planes.auth_seq_id     8 
_pdbx_validate_planes.PDB_ins_code    ? 
_pdbx_validate_planes.label_alt_id    ? 
_pdbx_validate_planes.rmsd            0.058 
_pdbx_validate_planes.type            'SIDE CHAIN' 
# 
_pdbx_nmr_ensemble.average_constraint_violations_per_residue     ? 
_pdbx_nmr_ensemble.average_constraints_per_residue               ? 
_pdbx_nmr_ensemble.average_distance_constraint_violation         ? 
_pdbx_nmr_ensemble.average_torsion_angle_constraint_violation    ? 
_pdbx_nmr_ensemble.conformer_selection_criteria                  
'minimized average structure of 33 converged conformers with the least restraint violation energy and total energy' 
_pdbx_nmr_ensemble.conformers_calculated_total_number            60 
_pdbx_nmr_ensemble.conformers_submitted_total_number             1 
_pdbx_nmr_ensemble.distance_constraint_violation_method          ? 
_pdbx_nmr_ensemble.entry_id                                      2RPK 
_pdbx_nmr_ensemble.maximum_distance_constraint_violation         ? 
_pdbx_nmr_ensemble.maximum_lower_distance_constraint_violation   ? 
_pdbx_nmr_ensemble.maximum_torsion_angle_constraint_violation    ? 
_pdbx_nmr_ensemble.maximum_upper_distance_constraint_violation   ? 
_pdbx_nmr_ensemble.representative_conformer                      1 
_pdbx_nmr_ensemble.torsion_angle_constraint_violation_method     ? 
# 
_pdbx_nmr_representative.conformer_id         1 
_pdbx_nmr_representative.entry_id             2RPK 
_pdbx_nmr_representative.selection_criteria   'minimized average structure' 
# 
loop_
_pdbx_nmr_sample_details.contents 
_pdbx_nmr_sample_details.solution_id 
_pdbx_nmr_sample_details.solvent_system 
;0.7 mM RNA (5'-R(*GP*GP*GP*AP*UP*CP*CP*AP*UP*GP*AP*CP*AP*GP*GP*AP*UP*CP*CP*C)-3'), 10 mM sodium phosphate, 0.1 mM EDTA, 90% H2O/10% D2O
;
1 '90% H2O/10% D2O' 
;0.7 mM RNA (5'-R(*GP*GP*GP*AP*UP*CP*CP*AP*UP*GP*AP*CP*AP*GP*GP*AP*UP*CP*CP*C)-3'), 10 mM sodium phosphate, 0.1 mM EDTA, 100% D2O
;
2 '100% D2O'        
;0.4 mM [U-100% 13C; U-100% 15N] RNA (5'-R(*GP*GP*GP*AP*UP*CP*CP*AP*UP*GP*AP*CP*AP*GP*GP*AP*UP*CP*CP*C)-3'), 10 mM sodium phosphate, 0.1 mM EDTA, 90% H2O/10% D2O
;
3 '90% H2O/10% D2O' 
;0.4 mM [U-100% 13C; U-100% 15N] RNA (5'-R(*GP*GP*GP*AP*UP*CP*CP*AP*UP*GP*AP*CP*AP*GP*GP*AP*UP*CP*CP*C)-3'), 10 mM sodium phosphate, 0.1 mM EDTA, 100% D2O
;
4 '100% D2O'        
# 
loop_
_pdbx_nmr_exptl_sample.component 
_pdbx_nmr_exptl_sample.concentration 
_pdbx_nmr_exptl_sample.concentration_units 
_pdbx_nmr_exptl_sample.isotopic_labeling 
_pdbx_nmr_exptl_sample.solution_id 
;RNA (5'-R(*GP*GP*GP*AP*UP*CP*CP*AP*UP*GP*AP*CP*AP*GP*GP*AP*UP*CP*CP*C)-3')
;
0.7 mM ?                          1 
'sodium phosphate'                                                           10  mM ?                          1 
EDTA                                                                         0.1 mM ?                          1 
;RNA (5'-R(*GP*GP*GP*AP*UP*CP*CP*AP*UP*GP*AP*CP*AP*GP*GP*AP*UP*CP*CP*C)-3')
;
0.7 mM ?                          2 
'sodium phosphate'                                                           10  mM ?                          2 
EDTA                                                                         0.1 mM ?                          2 
;RNA (5'-R(*GP*GP*GP*AP*UP*CP*CP*AP*UP*GP*AP*CP*AP*GP*GP*AP*UP*CP*CP*C)-3')
;
0.4 mM '[U-100% 13C; U-100% 15N]' 3 
'sodium phosphate'                                                           10  mM ?                          3 
EDTA                                                                         0.1 mM ?                          3 
;RNA (5'-R(*GP*GP*GP*AP*UP*CP*CP*AP*UP*GP*AP*CP*AP*GP*GP*AP*UP*CP*CP*C)-3')
;
0.4 mM '[U-100% 13C; U-100% 15N]' 4 
'sodium phosphate'                                                           10  mM ?                          4 
EDTA                                                                         0.1 mM ?                          4 
# 
loop_
_pdbx_nmr_exptl_sample_conditions.conditions_id 
_pdbx_nmr_exptl_sample_conditions.ionic_strength 
_pdbx_nmr_exptl_sample_conditions.pH 
_pdbx_nmr_exptl_sample_conditions.pressure 
_pdbx_nmr_exptl_sample_conditions.pressure_units 
_pdbx_nmr_exptl_sample_conditions.temperature 
_pdbx_nmr_exptl_sample_conditions.temperature_units 
1 12.4 6 ambient ? 281 K 
2 12.4 6 ambient ? 296 K 
# 
loop_
_pdbx_nmr_exptl.conditions_id 
_pdbx_nmr_exptl.experiment_id 
_pdbx_nmr_exptl.solution_id 
_pdbx_nmr_exptl.type 
1 1  1 '2D 1H-1H NOESY'          
2 2  2 '2D 1H-1H NOESY'          
2 3  2 '2D 1H-1H TOCSY'          
2 4  2 '2D 1H-1H COSY'           
1 5  3 '2D 1H-15N HSQC'          
2 6  4 '2D 1H-13C HSQC'          
2 7  4 '3D 1H,13C HMQC-NOESY'    
2 8  4 '3D HCCH-COSY'            
2 9  4 '2D HCCH-TOCSY'           
2 10 4 '3D HCP'                  
2 11 4 '3D 13C-ED-1H-31P HETCOR' 
# 
_pdbx_nmr_refine.entry_id           2RPK 
_pdbx_nmr_refine.method             'simulated annealing and restrained energy minimization' 
_pdbx_nmr_refine.details            
'minimized average structure of 33 converged conformers with the least restraint violation energy and total energy' 
_pdbx_nmr_refine.software_ordinal   1 
# 
loop_
_pdbx_nmr_software.authors 
_pdbx_nmr_software.classification 
_pdbx_nmr_software.name 
_pdbx_nmr_software.version 
_pdbx_nmr_software.ordinal 
'Bruker Biospin'                                                      collection                  TopSpin 1.3   1 
'Bruker Biospin'                                                      processing                  TopSpin 1.3   2 
Goddard                                                               'chemical shift assignment' Sparky  3.110 3 
Goddard                                                               'data analysis'             Sparky  3.110 4 
'Case, Darden, Cheatham, III, Simmerling, Wang, Duke, Luo, and Kollm' 'structure solution'        Amber   8.0   5 
'Case, Darden, Cheatham, III, Simmerling, Wang, Duke, Luo, and Kollm' refinement                  Amber   8.0   6 
# 
loop_
_chem_comp_atom.comp_id 
_chem_comp_atom.atom_id 
_chem_comp_atom.type_symbol 
_chem_comp_atom.pdbx_aromatic_flag 
_chem_comp_atom.pdbx_stereo_config 
_chem_comp_atom.pdbx_ordinal 
A OP3    O N N 1   
A P      P N N 2   
A OP1    O N N 3   
A OP2    O N N 4   
A "O5'"  O N N 5   
A "C5'"  C N N 6   
A "C4'"  C N R 7   
A "O4'"  O N N 8   
A "C3'"  C N S 9   
A "O3'"  O N N 10  
A "C2'"  C N R 11  
A "O2'"  O N N 12  
A "C1'"  C N R 13  
A N9     N Y N 14  
A C8     C Y N 15  
A N7     N Y N 16  
A C5     C Y N 17  
A C6     C Y N 18  
A N6     N N N 19  
A N1     N Y N 20  
A C2     C Y N 21  
A N3     N Y N 22  
A C4     C Y N 23  
A HOP3   H N N 24  
A HOP2   H N N 25  
A "H5'"  H N N 26  
A "H5''" H N N 27  
A "H4'"  H N N 28  
A "H3'"  H N N 29  
A "HO3'" H N N 30  
A "H2'"  H N N 31  
A "HO2'" H N N 32  
A "H1'"  H N N 33  
A H8     H N N 34  
A H61    H N N 35  
A H62    H N N 36  
A H2     H N N 37  
C OP3    O N N 38  
C P      P N N 39  
C OP1    O N N 40  
C OP2    O N N 41  
C "O5'"  O N N 42  
C "C5'"  C N N 43  
C "C4'"  C N R 44  
C "O4'"  O N N 45  
C "C3'"  C N S 46  
C "O3'"  O N N 47  
C "C2'"  C N R 48  
C "O2'"  O N N 49  
C "C1'"  C N R 50  
C N1     N N N 51  
C C2     C N N 52  
C O2     O N N 53  
C N3     N N N 54  
C C4     C N N 55  
C N4     N N N 56  
C C5     C N N 57  
C C6     C N N 58  
C HOP3   H N N 59  
C HOP2   H N N 60  
C "H5'"  H N N 61  
C "H5''" H N N 62  
C "H4'"  H N N 63  
C "H3'"  H N N 64  
C "HO3'" H N N 65  
C "H2'"  H N N 66  
C "HO2'" H N N 67  
C "H1'"  H N N 68  
C H41    H N N 69  
C H42    H N N 70  
C H5     H N N 71  
C H6     H N N 72  
G OP3    O N N 73  
G P      P N N 74  
G OP1    O N N 75  
G OP2    O N N 76  
G "O5'"  O N N 77  
G "C5'"  C N N 78  
G "C4'"  C N R 79  
G "O4'"  O N N 80  
G "C3'"  C N S 81  
G "O3'"  O N N 82  
G "C2'"  C N R 83  
G "O2'"  O N N 84  
G "C1'"  C N R 85  
G N9     N Y N 86  
G C8     C Y N 87  
G N7     N Y N 88  
G C5     C Y N 89  
G C6     C N N 90  
G O6     O N N 91  
G N1     N N N 92  
G C2     C N N 93  
G N2     N N N 94  
G N3     N N N 95  
G C4     C Y N 96  
G HOP3   H N N 97  
G HOP2   H N N 98  
G "H5'"  H N N 99  
G "H5''" H N N 100 
G "H4'"  H N N 101 
G "H3'"  H N N 102 
G "HO3'" H N N 103 
G "H2'"  H N N 104 
G "HO2'" H N N 105 
G "H1'"  H N N 106 
G H8     H N N 107 
G H1     H N N 108 
G H21    H N N 109 
G H22    H N N 110 
U OP3    O N N 111 
U P      P N N 112 
U OP1    O N N 113 
U OP2    O N N 114 
U "O5'"  O N N 115 
U "C5'"  C N N 116 
U "C4'"  C N R 117 
U "O4'"  O N N 118 
U "C3'"  C N S 119 
U "O3'"  O N N 120 
U "C2'"  C N R 121 
U "O2'"  O N N 122 
U "C1'"  C N R 123 
U N1     N N N 124 
U C2     C N N 125 
U O2     O N N 126 
U N3     N N N 127 
U C4     C N N 128 
U O4     O N N 129 
U C5     C N N 130 
U C6     C N N 131 
U HOP3   H N N 132 
U HOP2   H N N 133 
U "H5'"  H N N 134 
U "H5''" H N N 135 
U "H4'"  H N N 136 
U "H3'"  H N N 137 
U "HO3'" H N N 138 
U "H2'"  H N N 139 
U "HO2'" H N N 140 
U "H1'"  H N N 141 
U H3     H N N 142 
U H5     H N N 143 
U H6     H N N 144 
# 
loop_
_chem_comp_bond.comp_id 
_chem_comp_bond.atom_id_1 
_chem_comp_bond.atom_id_2 
_chem_comp_bond.value_order 
_chem_comp_bond.pdbx_aromatic_flag 
_chem_comp_bond.pdbx_stereo_config 
_chem_comp_bond.pdbx_ordinal 
A OP3   P      sing N N 1   
A OP3   HOP3   sing N N 2   
A P     OP1    doub N N 3   
A P     OP2    sing N N 4   
A P     "O5'"  sing N N 5   
A OP2   HOP2   sing N N 6   
A "O5'" "C5'"  sing N N 7   
A "C5'" "C4'"  sing N N 8   
A "C5'" "H5'"  sing N N 9   
A "C5'" "H5''" sing N N 10  
A "C4'" "O4'"  sing N N 11  
A "C4'" "C3'"  sing N N 12  
A "C4'" "H4'"  sing N N 13  
A "O4'" "C1'"  sing N N 14  
A "C3'" "O3'"  sing N N 15  
A "C3'" "C2'"  sing N N 16  
A "C3'" "H3'"  sing N N 17  
A "O3'" "HO3'" sing N N 18  
A "C2'" "O2'"  sing N N 19  
A "C2'" "C1'"  sing N N 20  
A "C2'" "H2'"  sing N N 21  
A "O2'" "HO2'" sing N N 22  
A "C1'" N9     sing N N 23  
A "C1'" "H1'"  sing N N 24  
A N9    C8     sing Y N 25  
A N9    C4     sing Y N 26  
A C8    N7     doub Y N 27  
A C8    H8     sing N N 28  
A N7    C5     sing Y N 29  
A C5    C6     sing Y N 30  
A C5    C4     doub Y N 31  
A C6    N6     sing N N 32  
A C6    N1     doub Y N 33  
A N6    H61    sing N N 34  
A N6    H62    sing N N 35  
A N1    C2     sing Y N 36  
A C2    N3     doub Y N 37  
A C2    H2     sing N N 38  
A N3    C4     sing Y N 39  
C OP3   P      sing N N 40  
C OP3   HOP3   sing N N 41  
C P     OP1    doub N N 42  
C P     OP2    sing N N 43  
C P     "O5'"  sing N N 44  
C OP2   HOP2   sing N N 45  
C "O5'" "C5'"  sing N N 46  
C "C5'" "C4'"  sing N N 47  
C "C5'" "H5'"  sing N N 48  
C "C5'" "H5''" sing N N 49  
C "C4'" "O4'"  sing N N 50  
C "C4'" "C3'"  sing N N 51  
C "C4'" "H4'"  sing N N 52  
C "O4'" "C1'"  sing N N 53  
C "C3'" "O3'"  sing N N 54  
C "C3'" "C2'"  sing N N 55  
C "C3'" "H3'"  sing N N 56  
C "O3'" "HO3'" sing N N 57  
C "C2'" "O2'"  sing N N 58  
C "C2'" "C1'"  sing N N 59  
C "C2'" "H2'"  sing N N 60  
C "O2'" "HO2'" sing N N 61  
C "C1'" N1     sing N N 62  
C "C1'" "H1'"  sing N N 63  
C N1    C2     sing N N 64  
C N1    C6     sing N N 65  
C C2    O2     doub N N 66  
C C2    N3     sing N N 67  
C N3    C4     doub N N 68  
C C4    N4     sing N N 69  
C C4    C5     sing N N 70  
C N4    H41    sing N N 71  
C N4    H42    sing N N 72  
C C5    C6     doub N N 73  
C C5    H5     sing N N 74  
C C6    H6     sing N N 75  
G OP3   P      sing N N 76  
G OP3   HOP3   sing N N 77  
G P     OP1    doub N N 78  
G P     OP2    sing N N 79  
G P     "O5'"  sing N N 80  
G OP2   HOP2   sing N N 81  
G "O5'" "C5'"  sing N N 82  
G "C5'" "C4'"  sing N N 83  
G "C5'" "H5'"  sing N N 84  
G "C5'" "H5''" sing N N 85  
G "C4'" "O4'"  sing N N 86  
G "C4'" "C3'"  sing N N 87  
G "C4'" "H4'"  sing N N 88  
G "O4'" "C1'"  sing N N 89  
G "C3'" "O3'"  sing N N 90  
G "C3'" "C2'"  sing N N 91  
G "C3'" "H3'"  sing N N 92  
G "O3'" "HO3'" sing N N 93  
G "C2'" "O2'"  sing N N 94  
G "C2'" "C1'"  sing N N 95  
G "C2'" "H2'"  sing N N 96  
G "O2'" "HO2'" sing N N 97  
G "C1'" N9     sing N N 98  
G "C1'" "H1'"  sing N N 99  
G N9    C8     sing Y N 100 
G N9    C4     sing Y N 101 
G C8    N7     doub Y N 102 
G C8    H8     sing N N 103 
G N7    C5     sing Y N 104 
G C5    C6     sing N N 105 
G C5    C4     doub Y N 106 
G C6    O6     doub N N 107 
G C6    N1     sing N N 108 
G N1    C2     sing N N 109 
G N1    H1     sing N N 110 
G C2    N2     sing N N 111 
G C2    N3     doub N N 112 
G N2    H21    sing N N 113 
G N2    H22    sing N N 114 
G N3    C4     sing N N 115 
U OP3   P      sing N N 116 
U OP3   HOP3   sing N N 117 
U P     OP1    doub N N 118 
U P     OP2    sing N N 119 
U P     "O5'"  sing N N 120 
U OP2   HOP2   sing N N 121 
U "O5'" "C5'"  sing N N 122 
U "C5'" "C4'"  sing N N 123 
U "C5'" "H5'"  sing N N 124 
U "C5'" "H5''" sing N N 125 
U "C4'" "O4'"  sing N N 126 
U "C4'" "C3'"  sing N N 127 
U "C4'" "H4'"  sing N N 128 
U "O4'" "C1'"  sing N N 129 
U "C3'" "O3'"  sing N N 130 
U "C3'" "C2'"  sing N N 131 
U "C3'" "H3'"  sing N N 132 
U "O3'" "HO3'" sing N N 133 
U "C2'" "O2'"  sing N N 134 
U "C2'" "C1'"  sing N N 135 
U "C2'" "H2'"  sing N N 136 
U "O2'" "HO2'" sing N N 137 
U "C1'" N1     sing N N 138 
U "C1'" "H1'"  sing N N 139 
U N1    C2     sing N N 140 
U N1    C6     sing N N 141 
U C2    O2     doub N N 142 
U C2    N3     sing N N 143 
U N3    C4     sing N N 144 
U N3    H3     sing N N 145 
U C4    O4     doub N N 146 
U C4    C5     sing N N 147 
U C5    C6     doub N N 148 
U C5    H5     sing N N 149 
U C6    H6     sing N N 150 
# 
loop_
_ndb_struct_conf_na.entry_id 
_ndb_struct_conf_na.feature 
2RPK 'double helix'        
2RPK 'a-form double helix' 
2RPK 'hairpin loop'        
# 
loop_
_ndb_struct_na_base_pair.model_number 
_ndb_struct_na_base_pair.i_label_asym_id 
_ndb_struct_na_base_pair.i_label_comp_id 
_ndb_struct_na_base_pair.i_label_seq_id 
_ndb_struct_na_base_pair.i_symmetry 
_ndb_struct_na_base_pair.j_label_asym_id 
_ndb_struct_na_base_pair.j_label_comp_id 
_ndb_struct_na_base_pair.j_label_seq_id 
_ndb_struct_na_base_pair.j_symmetry 
_ndb_struct_na_base_pair.shear 
_ndb_struct_na_base_pair.stretch 
_ndb_struct_na_base_pair.stagger 
_ndb_struct_na_base_pair.buckle 
_ndb_struct_na_base_pair.propeller 
_ndb_struct_na_base_pair.opening 
_ndb_struct_na_base_pair.pair_number 
_ndb_struct_na_base_pair.pair_name 
_ndb_struct_na_base_pair.i_auth_asym_id 
_ndb_struct_na_base_pair.i_auth_seq_id 
_ndb_struct_na_base_pair.i_PDB_ins_code 
_ndb_struct_na_base_pair.j_auth_asym_id 
_ndb_struct_na_base_pair.j_auth_seq_id 
_ndb_struct_na_base_pair.j_PDB_ins_code 
_ndb_struct_na_base_pair.hbond_type_28 
_ndb_struct_na_base_pair.hbond_type_12 
1 A G 1 1_555 A C 20 1_555 -0.506 -0.098 -0.280 -8.674  -5.320  0.057  1 A_G1:C20_A A 1 ? A 20 ? 19 1 
1 A G 2 1_555 A C 19 1_555 -0.400 -0.083 -0.110 -4.131  -7.294  0.278  2 A_G2:C19_A A 2 ? A 19 ? 19 1 
1 A G 3 1_555 A C 18 1_555 -0.433 -0.097 0.051  1.134   -7.556  0.418  3 A_G3:C18_A A 3 ? A 18 ? 19 1 
1 A A 4 1_555 A U 17 1_555 -0.009 0.006  -0.156 1.229   -9.558  1.394  4 A_A4:U17_A A 4 ? A 17 ? 20 1 
1 A U 5 1_555 A A 16 1_555 -0.058 0.002  -0.329 4.302   -10.849 0.944  5 A_U5:A16_A A 5 ? A 16 ? 20 1 
1 A C 6 1_555 A G 15 1_555 0.499  -0.106 0.020  -0.213  -8.273  1.401  6 A_C6:G15_A A 6 ? A 15 ? 19 1 
1 A C 7 1_555 A G 14 1_555 0.494  -0.104 0.015  5.587   -7.044  0.568  7 A_C7:G14_A A 7 ? A 14 ? 19 1 
1 A U 9 1_555 A A 13 1_555 5.594  -2.470 2.376  -19.821 27.733  35.867 8 A_U9:A13_A A 9 ? A 13 ? ?  ? 
# 
loop_
_ndb_struct_na_base_pair_step.model_number 
_ndb_struct_na_base_pair_step.i_label_asym_id_1 
_ndb_struct_na_base_pair_step.i_label_comp_id_1 
_ndb_struct_na_base_pair_step.i_label_seq_id_1 
_ndb_struct_na_base_pair_step.i_symmetry_1 
_ndb_struct_na_base_pair_step.j_label_asym_id_1 
_ndb_struct_na_base_pair_step.j_label_comp_id_1 
_ndb_struct_na_base_pair_step.j_label_seq_id_1 
_ndb_struct_na_base_pair_step.j_symmetry_1 
_ndb_struct_na_base_pair_step.i_label_asym_id_2 
_ndb_struct_na_base_pair_step.i_label_comp_id_2 
_ndb_struct_na_base_pair_step.i_label_seq_id_2 
_ndb_struct_na_base_pair_step.i_symmetry_2 
_ndb_struct_na_base_pair_step.j_label_asym_id_2 
_ndb_struct_na_base_pair_step.j_label_comp_id_2 
_ndb_struct_na_base_pair_step.j_label_seq_id_2 
_ndb_struct_na_base_pair_step.j_symmetry_2 
_ndb_struct_na_base_pair_step.shift 
_ndb_struct_na_base_pair_step.slide 
_ndb_struct_na_base_pair_step.rise 
_ndb_struct_na_base_pair_step.tilt 
_ndb_struct_na_base_pair_step.roll 
_ndb_struct_na_base_pair_step.twist 
_ndb_struct_na_base_pair_step.x_displacement 
_ndb_struct_na_base_pair_step.y_displacement 
_ndb_struct_na_base_pair_step.helical_rise 
_ndb_struct_na_base_pair_step.inclination 
_ndb_struct_na_base_pair_step.tip 
_ndb_struct_na_base_pair_step.helical_twist 
_ndb_struct_na_base_pair_step.step_number 
_ndb_struct_na_base_pair_step.step_name 
_ndb_struct_na_base_pair_step.i_auth_asym_id_1 
_ndb_struct_na_base_pair_step.i_auth_seq_id_1 
_ndb_struct_na_base_pair_step.i_PDB_ins_code_1 
_ndb_struct_na_base_pair_step.j_auth_asym_id_1 
_ndb_struct_na_base_pair_step.j_auth_seq_id_1 
_ndb_struct_na_base_pair_step.j_PDB_ins_code_1 
_ndb_struct_na_base_pair_step.i_auth_asym_id_2 
_ndb_struct_na_base_pair_step.i_auth_seq_id_2 
_ndb_struct_na_base_pair_step.i_PDB_ins_code_2 
_ndb_struct_na_base_pair_step.j_auth_asym_id_2 
_ndb_struct_na_base_pair_step.j_auth_seq_id_2 
_ndb_struct_na_base_pair_step.j_PDB_ins_code_2 
1 A G 1 1_555 A C 20 1_555 A G 2 1_555 A C 19 1_555 -0.039 -1.946 3.216 -1.329 6.531  29.162 -5.018 -0.179 2.725 12.762 2.597  
29.897 1 AA_G1G2:C19C20_AA A 1 ? A 20 ? A 2 ? A 19 ? 
1 A G 2 1_555 A C 19 1_555 A G 3 1_555 A C 18 1_555 -0.109 -2.124 3.113 -2.614 7.154  29.109 -5.381 -0.259 2.530 13.935 5.091  
30.068 2 AA_G2G3:C18C19_AA A 2 ? A 19 ? A 3 ? A 18 ? 
1 A G 3 1_555 A C 18 1_555 A A 4 1_555 A U 17 1_555 -0.264 -2.122 3.234 -1.124 12.169 30.944 -5.492 0.297  2.268 21.774 2.012  
33.215 3 AA_G3A4:U17C18_AA A 3 ? A 18 ? A 4 ? A 17 ? 
1 A A 4 1_555 A U 17 1_555 A U 5 1_555 A A 16 1_555 -0.238 -1.979 3.239 0.018  8.143  28.201 -5.500 0.473  2.578 16.287 -0.037 
29.330 4 AA_A4U5:A16U17_AA A 4 ? A 17 ? A 5 ? A 16 ? 
1 A U 5 1_555 A A 16 1_555 A C 6 1_555 A G 15 1_555 0.184  -2.089 3.354 -1.284 15.468 31.117 -5.598 -0.482 2.102 26.843 2.228  
34.687 5 AA_U5C6:G15A16_AA A 5 ? A 16 ? A 6 ? A 15 ? 
1 A C 6 1_555 A G 15 1_555 A C 7 1_555 A G 14 1_555 0.264  -2.133 3.066 1.893  8.912  30.518 -5.276 -0.188 2.376 16.476 -3.499 
31.818 6 AA_C6C7:G14G15_AA A 6 ? A 15 ? A 7 ? A 14 ? 
1 A C 7 1_555 A G 14 1_555 A U 9 1_555 A A 13 1_555 0.046  -2.657 6.254 6.513  18.421 47.794 -5.314 0.743  4.950 21.710 -7.675 
51.415 7 AA_C7U9:A13G14_AA A 7 ? A 14 ? A 9 ? A 13 ? 
# 
loop_
_pdbx_nmr_spectrometer.field_strength 
_pdbx_nmr_spectrometer.manufacturer 
_pdbx_nmr_spectrometer.model 
_pdbx_nmr_spectrometer.spectrometer_id 
_pdbx_nmr_spectrometer.type 
600 Bruker AVANCE 1 'Bruker Avance' 
600 Bruker AVANCE 2 'Bruker Avance' 
# 
_atom_sites.entry_id                    2RPK 
_atom_sites.fract_transf_matrix[1][1]   1.000000 
_atom_sites.fract_transf_matrix[1][2]   0.000000 
_atom_sites.fract_transf_matrix[1][3]   0.000000 
_atom_sites.fract_transf_matrix[2][1]   0.000000 
_atom_sites.fract_transf_matrix[2][2]   1.000000 
_atom_sites.fract_transf_matrix[2][3]   0.000000 
_atom_sites.fract_transf_matrix[3][1]   0.000000 
_atom_sites.fract_transf_matrix[3][2]   0.000000 
_atom_sites.fract_transf_matrix[3][3]   1.000000 
_atom_sites.fract_transf_vector[1]      0.00000 
_atom_sites.fract_transf_vector[2]      0.00000 
_atom_sites.fract_transf_vector[3]      0.00000 
# 
loop_
_atom_type.symbol 
C 
H 
N 
O 
P 
# 
loop_
_atom_site.group_PDB 
_atom_site.id 
_atom_site.type_symbol 
_atom_site.label_atom_id 
_atom_site.label_alt_id 
_atom_site.label_comp_id 
_atom_site.label_asym_id 
_atom_site.label_entity_id 
_atom_site.label_seq_id 
_atom_site.pdbx_PDB_ins_code 
_atom_site.Cartn_x 
_atom_site.Cartn_y 
_atom_site.Cartn_z 
_atom_site.occupancy 
_atom_site.B_iso_or_equiv 
_atom_site.pdbx_formal_charge 
_atom_site.auth_seq_id 
_atom_site.auth_comp_id 
_atom_site.auth_asym_id 
_atom_site.auth_atom_id 
_atom_site.pdbx_PDB_model_num 
ATOM 1   O "O5'"  . G A 1 1  ? -1.157  0.199   13.086  1.00 0.00 ? 1  G A "O5'"  1 
ATOM 2   C "C5'"  . G A 1 1  ? -0.591  -0.617  14.109  1.00 0.00 ? 1  G A "C5'"  1 
ATOM 3   C "C4'"  . G A 1 1  ? -1.194  -2.032  14.148  1.00 0.00 ? 1  G A "C4'"  1 
ATOM 4   O "O4'"  . G A 1 1  ? -2.579  -2.026  14.500  1.00 0.00 ? 1  G A "O4'"  1 
ATOM 5   C "C3'"  . G A 1 1  ? -1.082  -2.810  12.832  1.00 0.00 ? 1  G A "C3'"  1 
ATOM 6   O "O3'"  . G A 1 1  ? 0.213   -3.345  12.585  1.00 0.00 ? 1  G A "O3'"  1 
ATOM 7   C "C2'"  . G A 1 1  ? -2.143  -3.888  13.086  1.00 0.00 ? 1  G A "C2'"  1 
ATOM 8   O "O2'"  . G A 1 1  ? -1.716  -4.892  14.010  1.00 0.00 ? 1  G A "O2'"  1 
ATOM 9   C "C1'"  . G A 1 1  ? -3.240  -3.056  13.760  1.00 0.00 ? 1  G A "C1'"  1 
ATOM 10  N N9     . G A 1 1  ? -4.155  -2.467  12.747  1.00 0.00 ? 1  G A N9     1 
ATOM 11  C C8     . G A 1 1  ? -4.241  -1.165  12.311  1.00 0.00 ? 1  G A C8     1 
ATOM 12  N N7     . G A 1 1  ? -5.171  -0.957  11.413  1.00 0.00 ? 1  G A N7     1 
ATOM 13  C C5     . G A 1 1  ? -5.748  -2.223  11.236  1.00 0.00 ? 1  G A C5     1 
ATOM 14  C C6     . G A 1 1  ? -6.830  -2.672  10.393  1.00 0.00 ? 1  G A C6     1 
ATOM 15  O O6     . G A 1 1  ? -7.527  -2.027  9.608   1.00 0.00 ? 1  G A O6     1 
ATOM 16  N N1     . G A 1 1  ? -7.100  -4.022  10.520  1.00 0.00 ? 1  G A N1     1 
ATOM 17  C C2     . G A 1 1  ? -6.424  -4.850  11.355  1.00 0.00 ? 1  G A C2     1 
ATOM 18  N N2     . G A 1 1  ? -6.776  -6.108  11.366  1.00 0.00 ? 1  G A N2     1 
ATOM 19  N N3     . G A 1 1  ? -5.428  -4.480  12.158  1.00 0.00 ? 1  G A N3     1 
ATOM 20  C C4     . G A 1 1  ? -5.131  -3.148  12.053  1.00 0.00 ? 1  G A C4     1 
ATOM 21  H "H5'"  . G A 1 1  ? -0.742  -0.147  15.082  1.00 0.00 ? 1  G A "H5'"  1 
ATOM 22  H "H5''" . G A 1 1  ? 0.486   -0.708  13.941  1.00 0.00 ? 1  G A "H5''" 1 
ATOM 23  H "H4'"  . G A 1 1  ? -0.657  -2.600  14.910  1.00 0.00 ? 1  G A "H4'"  1 
ATOM 24  H "H3'"  . G A 1 1  ? -1.405  -2.167  12.011  1.00 0.00 ? 1  G A "H3'"  1 
ATOM 25  H "H2'"  . G A 1 1  ? -2.489  -4.336  12.152  1.00 0.00 ? 1  G A "H2'"  1 
ATOM 26  H "HO2'" . G A 1 1  ? -0.822  -5.189  13.754  1.00 0.00 ? 1  G A "HO2'" 1 
ATOM 27  H "H1'"  . G A 1 1  ? -3.827  -3.700  14.420  1.00 0.00 ? 1  G A "H1'"  1 
ATOM 28  H H8     . G A 1 1  ? -3.597  -0.383  12.691  1.00 0.00 ? 1  G A H8     1 
ATOM 29  H H1     . G A 1 1  ? -7.853  -4.396  9.963   1.00 0.00 ? 1  G A H1     1 
ATOM 30  H H21    . G A 1 1  ? -7.516  -6.439  10.750  1.00 0.00 ? 1  G A H21    1 
ATOM 31  H H22    . G A 1 1  ? -6.293  -6.731  11.993  1.00 0.00 ? 1  G A H22    1 
ATOM 32  H "HO5'" . G A 1 1  ? -0.732  1.083   13.110  1.00 0.00 ? 1  G A "HO5'" 1 
ATOM 33  P P      . G A 1 2  ? 0.695   -3.673  11.090  1.00 0.00 ? 2  G A P      1 
ATOM 34  O OP1    . G A 1 2  ? 2.089   -4.175  11.168  1.00 0.00 ? 2  G A OP1    1 
ATOM 35  O OP2    . G A 1 2  ? 0.411   -2.490  10.241  1.00 0.00 ? 2  G A OP2    1 
ATOM 36  O "O5'"  . G A 1 2  ? -0.258  -4.872  10.600  1.00 0.00 ? 2  G A "O5'"  1 
ATOM 37  C "C5'"  . G A 1 2  ? -0.082  -6.197  11.082  1.00 0.00 ? 2  G A "C5'"  1 
ATOM 38  C "C4'"  . G A 1 2  ? -1.151  -7.155  10.541  1.00 0.00 ? 2  G A "C4'"  1 
ATOM 39  O "O4'"  . G A 1 2  ? -2.477  -6.746  10.880  1.00 0.00 ? 2  G A "O4'"  1 
ATOM 40  C "C3'"  . G A 1 2  ? -1.136  -7.314  9.020   1.00 0.00 ? 2  G A "C3'"  1 
ATOM 41  O "O3'"  . G A 1 2  ? -0.080  -8.126  8.520   1.00 0.00 ? 2  G A "O3'"  1 
ATOM 42  C "C2'"  . G A 1 2  ? -2.521  -7.946  8.828   1.00 0.00 ? 2  G A "C2'"  1 
ATOM 43  O "O2'"  . G A 1 2  ? -2.579  -9.312  9.248   1.00 0.00 ? 2  G A "O2'"  1 
ATOM 44  C "C1'"  . G A 1 2  ? -3.352  -7.115  9.810   1.00 0.00 ? 2  G A "C1'"  1 
ATOM 45  N N9     . G A 1 2  ? -3.906  -5.917  9.129   1.00 0.00 ? 2  G A N9     1 
ATOM 46  C C8     . G A 1 2  ? -3.489  -4.609  9.188   1.00 0.00 ? 2  G A C8     1 
ATOM 47  N N7     . G A 1 2  ? -4.206  -3.784  8.467   1.00 0.00 ? 2  G A N7     1 
ATOM 48  C C5     . G A 1 2  ? -5.166  -4.613  7.867   1.00 0.00 ? 2  G A C5     1 
ATOM 49  C C6     . G A 1 2  ? -6.252  -4.329  6.958   1.00 0.00 ? 2  G A C6     1 
ATOM 50  O O6     . G A 1 2  ? -6.612  -3.250  6.483   1.00 0.00 ? 2  G A O6     1 
ATOM 51  N N1     . G A 1 2  ? -6.966  -5.453  6.589   1.00 0.00 ? 2  G A N1     1 
ATOM 52  C C2     . G A 1 2  ? -6.694  -6.701  7.041   1.00 0.00 ? 2  G A C2     1 
ATOM 53  N N2     . G A 1 2  ? -7.427  -7.680  6.581   1.00 0.00 ? 2  G A N2     1 
ATOM 54  N N3     . G A 1 2  ? -5.714  -7.009  7.887   1.00 0.00 ? 2  G A N3     1 
ATOM 55  C C4     . G A 1 2  ? -4.980  -5.919  8.268   1.00 0.00 ? 2  G A C4     1 
ATOM 56  H "H5'"  . G A 1 2  ? -0.126  -6.207  12.170  1.00 0.00 ? 2  G A "H5'"  1 
ATOM 57  H "H5''" . G A 1 2  ? 0.899   -6.568  10.780  1.00 0.00 ? 2  G A "H5''" 1 
ATOM 58  H "H4'"  . G A 1 2  ? -0.972  -8.138  10.979  1.00 0.00 ? 2  G A "H4'"  1 
ATOM 59  H "H3'"  . G A 1 2  ? -1.111  -6.320  8.570   1.00 0.00 ? 2  G A "H3'"  1 
ATOM 60  H "H2'"  . G A 1 2  ? -2.873  -7.838  7.800   1.00 0.00 ? 2  G A "H2'"  1 
ATOM 61  H "HO2'" . G A 1 2  ? -1.808  -9.783  8.877   1.00 0.00 ? 2  G A "HO2'" 1 
ATOM 62  H "H1'"  . G A 1 2  ? -4.186  -7.718  10.176  1.00 0.00 ? 2  G A "H1'"  1 
ATOM 63  H H8     . G A 1 2  ? -2.644  -4.295  9.788   1.00 0.00 ? 2  G A H8     1 
ATOM 64  H H1     . G A 1 2  ? -7.745  -5.318  5.963   1.00 0.00 ? 2  G A H1     1 
ATOM 65  H H21    . G A 1 2  ? -8.158  -7.502  5.896   1.00 0.00 ? 2  G A H21    1 
ATOM 66  H H22    . G A 1 2  ? -7.230  -8.610  6.911   1.00 0.00 ? 2  G A H22    1 
ATOM 67  P P      . G A 1 3  ? 0.392   -8.009  6.988   1.00 0.00 ? 3  G A P      1 
ATOM 68  O OP1    . G A 1 3  ? 1.540   -8.932  6.802   1.00 0.00 ? 3  G A OP1    1 
ATOM 69  O OP2    . G A 1 3  ? 0.574   -6.573  6.668   1.00 0.00 ? 3  G A OP2    1 
ATOM 70  O "O5'"  . G A 1 3  ? -0.851  -8.552  6.121   1.00 0.00 ? 3  G A "O5'"  1 
ATOM 71  C "C5'"  . G A 1 3  ? -1.152  -9.939  6.051   1.00 0.00 ? 3  G A "C5'"  1 
ATOM 72  C "C4'"  . G A 1 3  ? -2.407  -10.224 5.216   1.00 0.00 ? 3  G A "C4'"  1 
ATOM 73  O "O4'"  . G A 1 3  ? -3.570  -9.559  5.711   1.00 0.00 ? 3  G A "O4'"  1 
ATOM 74  C "C3'"  . G A 1 3  ? -2.284  -9.825  3.744   1.00 0.00 ? 3  G A "C3'"  1 
ATOM 75  O "O3'"  . G A 1 3  ? -1.489  -10.714 2.970   1.00 0.00 ? 3  G A "O3'"  1 
ATOM 76  C "C2'"  . G A 1 3  ? -3.768  -9.852  3.356   1.00 0.00 ? 3  G A "C2'"  1 
ATOM 77  O "O2'"  . G A 1 3  ? -4.292  -11.175 3.229   1.00 0.00 ? 3  G A "O2'"  1 
ATOM 78  C "C1'"  . G A 1 3  ? -4.398  -9.211  4.598   1.00 0.00 ? 3  G A "C1'"  1 
ATOM 79  N N9     . G A 1 3  ? -4.477  -7.736  4.438   1.00 0.00 ? 3  G A N9     1 
ATOM 80  C C8     . G A 1 3  ? -3.683  -6.758  4.986   1.00 0.00 ? 3  G A C8     1 
ATOM 81  N N7     . G A 1 3  ? -4.037  -5.539  4.674   1.00 0.00 ? 3  G A N7     1 
ATOM 82  C C5     . G A 1 3  ? -5.142  -5.720  3.829   1.00 0.00 ? 3  G A C5     1 
ATOM 83  C C6     . G A 1 3  ? -5.989  -4.779  3.138   1.00 0.00 ? 3  G A C6     1 
ATOM 84  O O6     . G A 1 3  ? -5.951  -3.546  3.140   1.00 0.00 ? 3  G A O6     1 
ATOM 85  N N1     . G A 1 3  ? -6.963  -5.380  2.366   1.00 0.00 ? 3  G A N1     1 
ATOM 86  C C2     . G A 1 3  ? -7.128  -6.722  2.273   1.00 0.00 ? 3  G A C2     1 
ATOM 87  N N2     . G A 1 3  ? -8.061  -7.160  1.472   1.00 0.00 ? 3  G A N2     1 
ATOM 88  N N3     . G A 1 3  ? -6.387  -7.628  2.907   1.00 0.00 ? 3  G A N3     1 
ATOM 89  C C4     . G A 1 3  ? -5.405  -7.065  3.673   1.00 0.00 ? 3  G A C4     1 
ATOM 90  H "H5'"  . G A 1 3  ? -1.305  -10.338 7.054   1.00 0.00 ? 3  G A "H5'"  1 
ATOM 91  H "H5''" . G A 1 3  ? -0.311  -10.472 5.602   1.00 0.00 ? 3  G A "H5''" 1 
ATOM 92  H "H4'"  . G A 1 3  ? -2.591  -11.299 5.250   1.00 0.00 ? 3  G A "H4'"  1 
ATOM 93  H "H3'"  . G A 1 3  ? -1.904  -8.803  3.685   1.00 0.00 ? 3  G A "H3'"  1 
ATOM 94  H "H2'"  . G A 1 3  ? -3.957  -9.267  2.453   1.00 0.00 ? 3  G A "H2'"  1 
ATOM 95  H "HO2'" . G A 1 3  ? -3.659  -11.710 2.712   1.00 0.00 ? 3  G A "HO2'" 1 
ATOM 96  H "H1'"  . G A 1 3  ? -5.412  -9.597  4.727   1.00 0.00 ? 3  G A "H1'"  1 
ATOM 97  H H8     . G A 1 3  ? -2.842  -6.990  5.626   1.00 0.00 ? 3  G A H8     1 
ATOM 98  H H1     . G A 1 3  ? -7.587  -4.773  1.854   1.00 0.00 ? 3  G A H1     1 
ATOM 99  H H21    . G A 1 3  ? -8.614  -6.507  0.919   1.00 0.00 ? 3  G A H21    1 
ATOM 100 H H22    . G A 1 3  ? -8.179  -8.155  1.384   1.00 0.00 ? 3  G A H22    1 
ATOM 101 P P      . A A 1 4  ? -0.797  -10.221 1.609   1.00 0.00 ? 4  A A P      1 
ATOM 102 O OP1    . A A 1 4  ? -0.018  -11.361 1.064   1.00 0.00 ? 4  A A OP1    1 
ATOM 103 O OP2    . A A 1 4  ? -0.093  -8.945  1.884   1.00 0.00 ? 4  A A OP2    1 
ATOM 104 O "O5'"  . A A 1 4  ? -2.018  -9.904  0.612   1.00 0.00 ? 4  A A "O5'"  1 
ATOM 105 C "C5'"  . A A 1 4  ? -2.764  -10.949 0.001   1.00 0.00 ? 4  A A "C5'"  1 
ATOM 106 C "C4'"  . A A 1 4  ? -3.864  -10.408 -0.921  1.00 0.00 ? 4  A A "C4'"  1 
ATOM 107 O "O4'"  . A A 1 4  ? -4.821  -9.603  -0.233  1.00 0.00 ? 4  A A "O4'"  1 
ATOM 108 C "C3'"  . A A 1 4  ? -3.330  -9.553  -2.072  1.00 0.00 ? 4  A A "C3'"  1 
ATOM 109 O "O3'"  . A A 1 4  ? -2.739  -10.322 -3.112  1.00 0.00 ? 4  A A "O3'"  1 
ATOM 110 C "C2'"  . A A 1 4  ? -4.629  -8.850  -2.488  1.00 0.00 ? 4  A A "C2'"  1 
ATOM 111 O "O2'"  . A A 1 4  ? -5.511  -9.699  -3.223  1.00 0.00 ? 4  A A "O2'"  1 
ATOM 112 C "C1'"  . A A 1 4  ? -5.265  -8.574  -1.119  1.00 0.00 ? 4  A A "C1'"  1 
ATOM 113 N N9     . A A 1 4  ? -4.870  -7.243  -0.596  1.00 0.00 ? 4  A A N9     1 
ATOM 114 C C8     . A A 1 4  ? -3.934  -6.927  0.362   1.00 0.00 ? 4  A A C8     1 
ATOM 115 N N7     . A A 1 4  ? -3.877  -5.653  0.660   1.00 0.00 ? 4  A A N7     1 
ATOM 116 C C5     . A A 1 4  ? -4.842  -5.082  -0.187  1.00 0.00 ? 4  A A C5     1 
ATOM 117 C C6     . A A 1 4  ? -5.337  -3.771  -0.411  1.00 0.00 ? 4  A A C6     1 
ATOM 118 N N6     . A A 1 4  ? -4.951  -2.688  0.238   1.00 0.00 ? 4  A A N6     1 
ATOM 119 N N1     . A A 1 4  ? -6.268  -3.537  -1.338  1.00 0.00 ? 4  A A N1     1 
ATOM 120 C C2     . A A 1 4  ? -6.742  -4.570  -2.021  1.00 0.00 ? 4  A A C2     1 
ATOM 121 N N3     . A A 1 4  ? -6.399  -5.849  -1.909  1.00 0.00 ? 4  A A N3     1 
ATOM 122 C C4     . A A 1 4  ? -5.434  -6.042  -0.966  1.00 0.00 ? 4  A A C4     1 
ATOM 123 H "H5'"  . A A 1 4  ? -3.223  -11.578 0.762   1.00 0.00 ? 4  A A "H5'"  1 
ATOM 124 H "H5''" . A A 1 4  ? -2.096  -11.572 -0.596  1.00 0.00 ? 4  A A "H5''" 1 
ATOM 125 H "H4'"  . A A 1 4  ? -4.388  -11.260 -1.357  1.00 0.00 ? 4  A A "H4'"  1 
ATOM 126 H "H3'"  . A A 1 4  ? -2.628  -8.817  -1.673  1.00 0.00 ? 4  A A "H3'"  1 
ATOM 127 H "H2'"  . A A 1 4  ? -4.427  -7.928  -3.037  1.00 0.00 ? 4  A A "H2'"  1 
ATOM 128 H "HO2'" . A A 1 4  ? -5.000  -10.134 -3.933  1.00 0.00 ? 4  A A "HO2'" 1 
ATOM 129 H "H1'"  . A A 1 4  ? -6.354  -8.595  -1.222  1.00 0.00 ? 4  A A "H1'"  1 
ATOM 130 H H8     . A A 1 4  ? -3.312  -7.677  0.835   1.00 0.00 ? 4  A A H8     1 
ATOM 131 H H61    . A A 1 4  ? -5.386  -1.799  0.028   1.00 0.00 ? 4  A A H61    1 
ATOM 132 H H62    . A A 1 4  ? -4.272  -2.778  0.976   1.00 0.00 ? 4  A A H62    1 
ATOM 133 H H2     . A A 1 4  ? -7.501  -4.345  -2.759  1.00 0.00 ? 4  A A H2     1 
ATOM 134 P P      . U A 1 5  ? -1.624  -9.688  -4.074  1.00 0.00 ? 5  U A P      1 
ATOM 135 O OP1    . U A 1 5  ? -1.166  -10.755 -4.998  1.00 0.00 ? 5  U A OP1    1 
ATOM 136 O OP2    . U A 1 5  ? -0.620  -8.994  -3.233  1.00 0.00 ? 5  U A OP2    1 
ATOM 137 O "O5'"  . U A 1 5  ? -2.413  -8.574  -4.921  1.00 0.00 ? 5  U A "O5'"  1 
ATOM 138 C "C5'"  . U A 1 5  ? -3.268  -8.928  -5.998  1.00 0.00 ? 5  U A "C5'"  1 
ATOM 139 C "C4'"  . U A 1 5  ? -3.946  -7.700  -6.616  1.00 0.00 ? 5  U A "C4'"  1 
ATOM 140 O "O4'"  . U A 1 5  ? -4.788  -7.015  -5.689  1.00 0.00 ? 5  U A "O4'"  1 
ATOM 141 C "C3'"  . U A 1 5  ? -2.966  -6.650  -7.147  1.00 0.00 ? 5  U A "C3'"  1 
ATOM 142 O "O3'"  . U A 1 5  ? -2.341  -7.007  -8.373  1.00 0.00 ? 5  U A "O3'"  1 
ATOM 143 C "C2'"  . U A 1 5  ? -3.925  -5.461  -7.278  1.00 0.00 ? 5  U A "C2'"  1 
ATOM 144 O "O2'"  . U A 1 5  ? -4.789  -5.568  -8.412  1.00 0.00 ? 5  U A "O2'"  1 
ATOM 145 C "C1'"  . U A 1 5  ? -4.776  -5.622  -6.008  1.00 0.00 ? 5  U A "C1'"  1 
ATOM 146 N N1     . U A 1 5  ? -4.229  -4.790  -4.895  1.00 0.00 ? 5  U A N1     1 
ATOM 147 C C2     . U A 1 5  ? -4.605  -3.440  -4.850  1.00 0.00 ? 5  U A C2     1 
ATOM 148 O O2     . U A 1 5  ? -5.366  -2.914  -5.662  1.00 0.00 ? 5  U A O2     1 
ATOM 149 N N3     . U A 1 5  ? -4.065  -2.675  -3.840  1.00 0.00 ? 5  U A N3     1 
ATOM 150 C C4     . U A 1 5  ? -3.178  -3.108  -2.886  1.00 0.00 ? 5  U A C4     1 
ATOM 151 O O4     . U A 1 5  ? -2.748  -2.321  -2.049  1.00 0.00 ? 5  U A O4     1 
ATOM 152 C C5     . U A 1 5  ? -2.828  -4.506  -2.988  1.00 0.00 ? 5  U A C5     1 
ATOM 153 C C6     . U A 1 5  ? -3.341  -5.298  -3.967  1.00 0.00 ? 5  U A C6     1 
ATOM 154 H "H5'"  . U A 1 5  ? -4.040  -9.617  -5.653  1.00 0.00 ? 5  U A "H5'"  1 
ATOM 155 H "H5''" . U A 1 5  ? -2.687  -9.428  -6.775  1.00 0.00 ? 5  U A "H5''" 1 
ATOM 156 H "H4'"  . U A 1 5  ? -4.560  -8.037  -7.453  1.00 0.00 ? 5  U A "H4'"  1 
ATOM 157 H "H3'"  . U A 1 5  ? -2.222  -6.436  -6.376  1.00 0.00 ? 5  U A "H3'"  1 
ATOM 158 H "H2'"  . U A 1 5  ? -3.383  -4.513  -7.288  1.00 0.00 ? 5  U A "H2'"  1 
ATOM 159 H "HO2'" . U A 1 5  ? -4.251  -5.815  -9.188  1.00 0.00 ? 5  U A "HO2'" 1 
ATOM 160 H "H1'"  . U A 1 5  ? -5.794  -5.286  -6.226  1.00 0.00 ? 5  U A "H1'"  1 
ATOM 161 H H3     . U A 1 5  ? -4.300  -1.695  -3.831  1.00 0.00 ? 5  U A H3     1 
ATOM 162 H H5     . U A 1 5  ? -2.135  -4.916  -2.266  1.00 0.00 ? 5  U A H5     1 
ATOM 163 H H6     . U A 1 5  ? -3.050  -6.339  -4.022  1.00 0.00 ? 5  U A H6     1 
ATOM 164 P P      . C A 1 6  ? -0.918  -6.385  -8.780  1.00 0.00 ? 6  C A P      1 
ATOM 165 O OP1    . C A 1 6  ? -0.527  -6.975  -10.085 1.00 0.00 ? 6  C A OP1    1 
ATOM 166 O OP2    . C A 1 6  ? 0.003   -6.534  -7.627  1.00 0.00 ? 6  C A OP2    1 
ATOM 167 O "O5'"  . C A 1 6  ? -1.201  -4.816  -8.986  1.00 0.00 ? 6  C A "O5'"  1 
ATOM 168 C "C5'"  . C A 1 6  ? -1.865  -4.334  -10.147 1.00 0.00 ? 6  C A "C5'"  1 
ATOM 169 C "C4'"  . C A 1 6  ? -2.080  -2.816  -10.105 1.00 0.00 ? 6  C A "C4'"  1 
ATOM 170 O "O4'"  . C A 1 6  ? -2.880  -2.404  -8.998  1.00 0.00 ? 6  C A "O4'"  1 
ATOM 171 C "C3'"  . C A 1 6  ? -0.791  -1.996  -10.025 1.00 0.00 ? 6  C A "C3'"  1 
ATOM 172 O "O3'"  . C A 1 6  ? -0.075  -1.936  -11.253 1.00 0.00 ? 6  C A "O3'"  1 
ATOM 173 C "C2'"  . C A 1 6  ? -1.387  -0.647  -9.605  1.00 0.00 ? 6  C A "C2'"  1 
ATOM 174 O "O2'"  . C A 1 6  ? -2.035  0.035   -10.680 1.00 0.00 ? 6  C A "O2'"  1 
ATOM 175 C "C1'"  . C A 1 6  ? -2.472  -1.090  -8.613  1.00 0.00 ? 6  C A "C1'"  1 
ATOM 176 N N1     . C A 1 6  ? -1.954  -1.045  -7.214  1.00 0.00 ? 6  C A N1     1 
ATOM 177 C C2     . C A 1 6  ? -1.901  0.200   -6.576  1.00 0.00 ? 6  C A C2     1 
ATOM 178 O O2     . C A 1 6  ? -2.282  1.231   -7.127  1.00 0.00 ? 6  C A O2     1 
ATOM 179 N N3     . C A 1 6  ? -1.422  0.317   -5.316  1.00 0.00 ? 6  C A N3     1 
ATOM 180 C C4     . C A 1 6  ? -1.022  -0.771  -4.693  1.00 0.00 ? 6  C A C4     1 
ATOM 181 N N4     . C A 1 6  ? -0.608  -0.595  -3.472  1.00 0.00 ? 6  C A N4     1 
ATOM 182 C C5     . C A 1 6  ? -1.038  -2.064  -5.285  1.00 0.00 ? 6  C A C5     1 
ATOM 183 C C6     . C A 1 6  ? -1.507  -2.166  -6.554  1.00 0.00 ? 6  C A C6     1 
ATOM 184 H "H5'"  . C A 1 6  ? -2.835  -4.820  -10.250 1.00 0.00 ? 6  C A "H5'"  1 
ATOM 185 H "H5''" . C A 1 6  ? -1.271  -4.572  -11.031 1.00 0.00 ? 6  C A "H5''" 1 
ATOM 186 H "H4'"  . C A 1 6  ? -2.598  -2.529  -11.021 1.00 0.00 ? 6  C A "H4'"  1 
ATOM 187 H "H3'"  . C A 1 6  ? -0.163  -2.379  -9.217  1.00 0.00 ? 6  C A "H3'"  1 
ATOM 188 H "H2'"  . C A 1 6  ? -0.631  -0.013  -9.134  1.00 0.00 ? 6  C A "H2'"  1 
ATOM 189 H "HO2'" . C A 1 6  ? -1.456  -0.006  -11.465 1.00 0.00 ? 6  C A "HO2'" 1 
ATOM 190 H "H1'"  . C A 1 6  ? -3.319  -0.400  -8.693  1.00 0.00 ? 6  C A "H1'"  1 
ATOM 191 H H41    . C A 1 6  ? -0.652  0.345   -3.096  1.00 0.00 ? 6  C A H41    1 
ATOM 192 H H42    . C A 1 6  ? -0.393  -1.392  -2.898  1.00 0.00 ? 6  C A H42    1 
ATOM 193 H H5     . C A 1 6  ? -0.692  -2.946  -4.767  1.00 0.00 ? 6  C A H5     1 
ATOM 194 H H6     . C A 1 6  ? -1.535  -3.129  -7.050  1.00 0.00 ? 6  C A H6     1 
ATOM 195 P P      . C A 1 7  ? 1.499   -1.629  -11.275 1.00 0.00 ? 7  C A P      1 
ATOM 196 O OP1    . C A 1 7  ? 1.945   -1.672  -12.690 1.00 0.00 ? 7  C A OP1    1 
ATOM 197 O OP2    . C A 1 7  ? 2.161   -2.520  -10.293 1.00 0.00 ? 7  C A OP2    1 
ATOM 198 O "O5'"  . C A 1 7  ? 1.630   -0.119  -10.738 1.00 0.00 ? 7  C A "O5'"  1 
ATOM 199 C "C5'"  . C A 1 7  ? 1.289   0.990   -11.557 1.00 0.00 ? 7  C A "C5'"  1 
ATOM 200 C "C4'"  . C A 1 7  ? 1.433   2.321   -10.807 1.00 0.00 ? 7  C A "C4'"  1 
ATOM 201 O "O4'"  . C A 1 7  ? 0.589   2.405   -9.662  1.00 0.00 ? 7  C A "O4'"  1 
ATOM 202 C "C3'"  . C A 1 7  ? 2.851   2.618   -10.329 1.00 0.00 ? 7  C A "C3'"  1 
ATOM 203 O "O3'"  . C A 1 7  ? 3.707   3.019   -11.391 1.00 0.00 ? 7  C A "O3'"  1 
ATOM 204 C "C2'"  . C A 1 7  ? 2.537   3.744   -9.333  1.00 0.00 ? 7  C A "C2'"  1 
ATOM 205 O "O2'"  . C A 1 7  ? 2.258   4.989   -9.973  1.00 0.00 ? 7  C A "O2'"  1 
ATOM 206 C "C1'"  . C A 1 7  ? 1.228   3.244   -8.702  1.00 0.00 ? 7  C A "C1'"  1 
ATOM 207 N N1     . C A 1 7  ? 1.491   2.519   -7.424  1.00 0.00 ? 7  C A N1     1 
ATOM 208 C C2     . C A 1 7  ? 1.619   3.276   -6.253  1.00 0.00 ? 7  C A C2     1 
ATOM 209 O O2     . C A 1 7  ? 1.517   4.503   -6.254  1.00 0.00 ? 7  C A O2     1 
ATOM 210 N N3     . C A 1 7  ? 1.865   2.684   -5.063  1.00 0.00 ? 7  C A N3     1 
ATOM 211 C C4     . C A 1 7  ? 1.995   1.374   -5.030  1.00 0.00 ? 7  C A C4     1 
ATOM 212 N N4     . C A 1 7  ? 2.222   0.864   -3.853  1.00 0.00 ? 7  C A N4     1 
ATOM 213 C C5     . C A 1 7  ? 1.889   0.545   -6.181  1.00 0.00 ? 7  C A C5     1 
ATOM 214 C C6     . C A 1 7  ? 1.637   1.152   -7.367  1.00 0.00 ? 7  C A C6     1 
ATOM 215 H "H5'"  . C A 1 7  ? 0.261   0.897   -11.908 1.00 0.00 ? 7  C A "H5'"  1 
ATOM 216 H "H5''" . C A 1 7  ? 1.943   1.014   -12.431 1.00 0.00 ? 7  C A "H5''" 1 
ATOM 217 H "H4'"  . C A 1 7  ? 1.166   3.129   -11.486 1.00 0.00 ? 7  C A "H4'"  1 
ATOM 218 H "H3'"  . C A 1 7  ? 3.243   1.748   -9.799  1.00 0.00 ? 7  C A "H3'"  1 
ATOM 219 H "H2'"  . C A 1 7  ? 3.333   3.858   -8.597  1.00 0.00 ? 7  C A "H2'"  1 
ATOM 220 H "HO2'" . C A 1 7  ? 2.948   5.151   -10.645 1.00 0.00 ? 7  C A "HO2'" 1 
ATOM 221 H "H1'"  . C A 1 7  ? 0.594   4.111   -8.488  1.00 0.00 ? 7  C A "H1'"  1 
ATOM 222 H H41    . C A 1 7  ? 2.246   1.498   -3.063  1.00 0.00 ? 7  C A H41    1 
ATOM 223 H H42    . C A 1 7  ? 2.263   -0.133  -3.742  1.00 0.00 ? 7  C A H42    1 
ATOM 224 H H5     . C A 1 7  ? 2.001   -0.526  -6.140  1.00 0.00 ? 7  C A H5     1 
ATOM 225 H H6     . C A 1 7  ? 1.545   0.558   -8.271  1.00 0.00 ? 7  C A H6     1 
ATOM 226 P P      . A A 1 8  ? 5.293   2.846   -11.280 1.00 0.00 ? 8  A A P      1 
ATOM 227 O OP1    . A A 1 8  ? 5.888   3.300   -12.563 1.00 0.00 ? 8  A A OP1    1 
ATOM 228 O OP2    . A A 1 8  ? 5.581   1.470   -10.808 1.00 0.00 ? 8  A A OP2    1 
ATOM 229 O "O5'"  . A A 1 8  ? 5.715   3.869   -10.117 1.00 0.00 ? 8  A A "O5'"  1 
ATOM 230 C "C5'"  . A A 1 8  ? 5.838   5.264   -10.354 1.00 0.00 ? 8  A A "C5'"  1 
ATOM 231 C "C4'"  . A A 1 8  ? 6.283   6.008   -9.088  1.00 0.00 ? 8  A A "C4'"  1 
ATOM 232 O "O4'"  . A A 1 8  ? 5.305   5.965   -8.048  1.00 0.00 ? 8  A A "O4'"  1 
ATOM 233 C "C3'"  . A A 1 8  ? 7.583   5.452   -8.499  1.00 0.00 ? 8  A A "C3'"  1 
ATOM 234 O "O3'"  . A A 1 8  ? 8.751   5.898   -9.176  1.00 0.00 ? 8  A A "O3'"  1 
ATOM 235 C "C2'"  . A A 1 8  ? 7.481   5.991   -7.069  1.00 0.00 ? 8  A A "C2'"  1 
ATOM 236 O "O2'"  . A A 1 8  ? 7.812   7.379   -6.981  1.00 0.00 ? 8  A A "O2'"  1 
ATOM 237 C "C1'"  . A A 1 8  ? 5.980   5.849   -6.796  1.00 0.00 ? 8  A A "C1'"  1 
ATOM 238 N N9     . A A 1 8  ? 5.653   4.553   -6.159  1.00 0.00 ? 8  A A N9     1 
ATOM 239 C C8     . A A 1 8  ? 5.416   3.321   -6.726  1.00 0.00 ? 8  A A C8     1 
ATOM 240 N N7     . A A 1 8  ? 5.282   2.351   -5.855  1.00 0.00 ? 8  A A N7     1 
ATOM 241 C C5     . A A 1 8  ? 5.405   3.011   -4.618  1.00 0.00 ? 8  A A C5     1 
ATOM 242 C C6     . A A 1 8  ? 5.380   2.624   -3.252  1.00 0.00 ? 8  A A C6     1 
ATOM 243 N N6     . A A 1 8  ? 5.262   1.389   -2.805  1.00 0.00 ? 8  A A N6     1 
ATOM 244 N N1     . A A 1 8  ? 5.492   3.524   -2.274  1.00 0.00 ? 8  A A N1     1 
ATOM 245 C C2     . A A 1 8  ? 5.628   4.800   -2.612  1.00 0.00 ? 8  A A C2     1 
ATOM 246 N N3     . A A 1 8  ? 5.700   5.311   -3.836  1.00 0.00 ? 8  A A N3     1 
ATOM 247 C C4     . A A 1 8  ? 5.584   4.355   -4.802  1.00 0.00 ? 8  A A C4     1 
ATOM 248 H "H5'"  . A A 1 8  ? 4.890   5.679   -10.697 1.00 0.00 ? 8  A A "H5'"  1 
ATOM 249 H "H5''" . A A 1 8  ? 6.588   5.435   -11.129 1.00 0.00 ? 8  A A "H5''" 1 
ATOM 250 H "H4'"  . A A 1 8  ? 6.454   7.055   -9.347  1.00 0.00 ? 8  A A "H4'"  1 
ATOM 251 H "H3'"  . A A 1 8  ? 7.534   4.362   -8.474  1.00 0.00 ? 8  A A "H3'"  1 
ATOM 252 H "H2'"  . A A 1 8  ? 8.081   5.401   -6.374  1.00 0.00 ? 8  A A "H2'"  1 
ATOM 253 H "HO2'" . A A 1 8  ? 8.598   7.543   -7.539  1.00 0.00 ? 8  A A "HO2'" 1 
ATOM 254 H "H1'"  . A A 1 8  ? 5.700   6.642   -6.097  1.00 0.00 ? 8  A A "H1'"  1 
ATOM 255 H H8     . A A 1 8  ? 5.344   3.170   -7.799  1.00 0.00 ? 8  A A H8     1 
ATOM 256 H H61    . A A 1 8  ? 5.230   1.245   -1.809  1.00 0.00 ? 8  A A H61    1 
ATOM 257 H H62    . A A 1 8  ? 5.170   0.629   -3.462  1.00 0.00 ? 8  A A H62    1 
ATOM 258 H H2     . A A 1 8  ? 5.673   5.512   -1.796  1.00 0.00 ? 8  A A H2     1 
ATOM 259 P P      . U A 1 9  ? 10.077  4.999   -9.185  1.00 0.00 ? 9  U A P      1 
ATOM 260 O OP1    . U A 1 9  ? 11.133  5.763   -9.896  1.00 0.00 ? 9  U A OP1    1 
ATOM 261 O OP2    . U A 1 9  ? 9.717   3.648   -9.680  1.00 0.00 ? 9  U A OP2    1 
ATOM 262 O "O5'"  . U A 1 9  ? 10.479  4.872   -7.634  1.00 0.00 ? 9  U A "O5'"  1 
ATOM 263 C "C5'"  . U A 1 9  ? 11.099  5.943   -6.936  1.00 0.00 ? 9  U A "C5'"  1 
ATOM 264 C "C4'"  . U A 1 9  ? 11.398  5.573   -5.480  1.00 0.00 ? 9  U A "C4'"  1 
ATOM 265 O "O4'"  . U A 1 9  ? 10.225  5.305   -4.723  1.00 0.00 ? 9  U A "O4'"  1 
ATOM 266 C "C3'"  . U A 1 9  ? 12.255  4.315   -5.332  1.00 0.00 ? 9  U A "C3'"  1 
ATOM 267 O "O3'"  . U A 1 9  ? 13.608  4.441   -5.750  1.00 0.00 ? 9  U A "O3'"  1 
ATOM 268 C "C2'"  . U A 1 9  ? 12.086  4.093   -3.829  1.00 0.00 ? 9  U A "C2'"  1 
ATOM 269 O "O2'"  . U A 1 9  ? 12.867  4.982   -3.027  1.00 0.00 ? 9  U A "O2'"  1 
ATOM 270 C "C1'"  . U A 1 9  ? 10.595  4.431   -3.656  1.00 0.00 ? 9  U A "C1'"  1 
ATOM 271 N N1     . U A 1 9  ? 9.795   3.168   -3.660  1.00 0.00 ? 9  U A N1     1 
ATOM 272 C C2     . U A 1 9  ? 9.789   2.396   -2.489  1.00 0.00 ? 9  U A C2     1 
ATOM 273 O O2     . U A 1 9  ? 10.329  2.751   -1.440  1.00 0.00 ? 9  U A O2     1 
ATOM 274 N N3     . U A 1 9  ? 9.141   1.178   -2.539  1.00 0.00 ? 9  U A N3     1 
ATOM 275 C C4     . U A 1 9  ? 8.511   0.649   -3.640  1.00 0.00 ? 9  U A C4     1 
ATOM 276 O O4     . U A 1 9  ? 7.977   -0.456  -3.576  1.00 0.00 ? 9  U A O4     1 
ATOM 277 C C5     . U A 1 9  ? 8.554   1.495   -4.813  1.00 0.00 ? 9  U A C5     1 
ATOM 278 C C6     . U A 1 9  ? 9.180   2.701   -4.805  1.00 0.00 ? 9  U A C6     1 
ATOM 279 H "H5'"  . U A 1 9  ? 10.460  6.825   -6.953  1.00 0.00 ? 9  U A "H5'"  1 
ATOM 280 H "H5''" . U A 1 9  ? 12.043  6.196   -7.425  1.00 0.00 ? 9  U A "H5''" 1 
ATOM 281 H "H4'"  . U A 1 9  ? 11.909  6.407   -4.999  1.00 0.00 ? 9  U A "H4'"  1 
ATOM 282 H "H3'"  . U A 1 9  ? 11.764  3.501   -5.868  1.00 0.00 ? 9  U A "H3'"  1 
ATOM 283 H "H2'"  . U A 1 9  ? 12.300  3.056   -3.576  1.00 0.00 ? 9  U A "H2'"  1 
ATOM 284 H "HO2'" . U A 1 9  ? 13.230  4.473   -2.271  1.00 0.00 ? 9  U A "HO2'" 1 
ATOM 285 H "H1'"  . U A 1 9  ? 10.463  4.957   -2.708  1.00 0.00 ? 9  U A "H1'"  1 
ATOM 286 H H3     . U A 1 9  ? 9.174   0.605   -1.714  1.00 0.00 ? 9  U A H3     1 
ATOM 287 H H5     . U A 1 9  ? 8.078   1.139   -5.716  1.00 0.00 ? 9  U A H5     1 
ATOM 288 H H6     . U A 1 9  ? 9.208   3.299   -5.710  1.00 0.00 ? 9  U A H6     1 
ATOM 289 P P      . G A 1 10 ? 14.412  3.176   -6.323  1.00 0.00 ? 10 G A P      1 
ATOM 290 O OP1    . G A 1 10 ? 15.735  3.669   -6.779  1.00 0.00 ? 10 G A OP1    1 
ATOM 291 O OP2    . G A 1 10 ? 13.542  2.489   -7.309  1.00 0.00 ? 10 G A OP2    1 
ATOM 292 O "O5'"  . G A 1 10 ? 14.670  2.176   -5.075  1.00 0.00 ? 10 G A "O5'"  1 
ATOM 293 C "C5'"  . G A 1 10 ? 14.530  0.764   -5.235  1.00 0.00 ? 10 G A "C5'"  1 
ATOM 294 C "C4'"  . G A 1 10 ? 15.294  -0.075  -4.194  1.00 0.00 ? 10 G A "C4'"  1 
ATOM 295 O "O4'"  . G A 1 10 ? 16.700  0.130   -4.344  1.00 0.00 ? 10 G A "O4'"  1 
ATOM 296 C "C3'"  . G A 1 10 ? 14.878  0.164   -2.745  1.00 0.00 ? 10 G A "C3'"  1 
ATOM 297 O "O3'"  . G A 1 10 ? 14.617  -1.087  -2.109  1.00 0.00 ? 10 G A "O3'"  1 
ATOM 298 C "C2'"  . G A 1 10 ? 16.096  0.894   -2.165  1.00 0.00 ? 10 G A "C2'"  1 
ATOM 299 O "O2'"  . G A 1 10 ? 16.499  0.453   -0.877  1.00 0.00 ? 10 G A "O2'"  1 
ATOM 300 C "C1'"  . G A 1 10 ? 17.249  0.593   -3.118  1.00 0.00 ? 10 G A "C1'"  1 
ATOM 301 N N9     . G A 1 10 ? 18.075  1.815   -3.269  1.00 0.00 ? 10 G A N9     1 
ATOM 302 C C8     . G A 1 10 ? 17.896  2.856   -4.143  1.00 0.00 ? 10 G A C8     1 
ATOM 303 N N7     . G A 1 10 ? 18.714  3.863   -3.965  1.00 0.00 ? 10 G A N7     1 
ATOM 304 C C5     . G A 1 10 ? 19.470  3.477   -2.847  1.00 0.00 ? 10 G A C5     1 
ATOM 305 C C6     . G A 1 10 ? 20.499  4.165   -2.103  1.00 0.00 ? 10 G A C6     1 
ATOM 306 O O6     . G A 1 10 ? 21.005  5.271   -2.310  1.00 0.00 ? 10 G A O6     1 
ATOM 307 N N1     . G A 1 10 ? 20.941  3.463   -0.995  1.00 0.00 ? 10 G A N1     1 
ATOM 308 C C2     . G A 1 10 ? 20.460  2.245   -0.638  1.00 0.00 ? 10 G A C2     1 
ATOM 309 N N2     . G A 1 10 ? 20.878  1.730   0.491   1.00 0.00 ? 10 G A N2     1 
ATOM 310 N N3     . G A 1 10 ? 19.544  1.557   -1.315  1.00 0.00 ? 10 G A N3     1 
ATOM 311 C C4     . G A 1 10 ? 19.074  2.229   -2.412  1.00 0.00 ? 10 G A C4     1 
ATOM 312 H "H5'"  . G A 1 10 ? 14.903  0.473   -6.219  1.00 0.00 ? 10 G A "H5'"  1 
ATOM 313 H "H5''" . G A 1 10 ? 13.471  0.504   -5.191  1.00 0.00 ? 10 G A "H5''" 1 
ATOM 314 H "H4'"  . G A 1 10 ? 15.064  -1.120  -4.380  1.00 0.00 ? 10 G A "H4'"  1 
ATOM 315 H "H3'"  . G A 1 10 ? 14.004  0.809   -2.741  1.00 0.00 ? 10 G A "H3'"  1 
ATOM 316 H "H2'"  . G A 1 10 ? 15.885  1.966   -2.180  1.00 0.00 ? 10 G A "H2'"  1 
ATOM 317 H "HO2'" . G A 1 10 ? 15.716  0.319   -0.313  1.00 0.00 ? 10 G A "HO2'" 1 
ATOM 318 H "H1'"  . G A 1 10 ? 17.863  -0.197  -2.677  1.00 0.00 ? 10 G A "H1'"  1 
ATOM 319 H H8     . G A 1 10 ? 17.128  2.830   -4.903  1.00 0.00 ? 10 G A H8     1 
ATOM 320 H H1     . G A 1 10 ? 21.636  3.903   -0.421  1.00 0.00 ? 10 G A H1     1 
ATOM 321 H H21    . G A 1 10 ? 21.530  2.223   1.083   1.00 0.00 ? 10 G A H21    1 
ATOM 322 H H22    . G A 1 10 ? 20.451  0.866   0.792   1.00 0.00 ? 10 G A H22    1 
ATOM 323 P P      . A A 1 11 ? 13.351  -1.281  -1.140  1.00 0.00 ? 11 A A P      1 
ATOM 324 O OP1    . A A 1 11 ? 13.261  -2.722  -0.799  1.00 0.00 ? 11 A A OP1    1 
ATOM 325 O OP2    . A A 1 11 ? 12.180  -0.626  -1.773  1.00 0.00 ? 11 A A OP2    1 
ATOM 326 O "O5'"  . A A 1 11 ? 13.737  -0.452  0.188   1.00 0.00 ? 11 A A "O5'"  1 
ATOM 327 C "C5'"  . A A 1 11 ? 14.447  -1.050  1.265   1.00 0.00 ? 11 A A "C5'"  1 
ATOM 328 C "C4'"  . A A 1 11 ? 14.875  -0.024  2.326   1.00 0.00 ? 11 A A "C4'"  1 
ATOM 329 O "O4'"  . A A 1 11 ? 15.823  0.917   1.809   1.00 0.00 ? 11 A A "O4'"  1 
ATOM 330 C "C3'"  . A A 1 11 ? 13.741  0.819   2.919   1.00 0.00 ? 11 A A "C3'"  1 
ATOM 331 O "O3'"  . A A 1 11 ? 12.949  0.191   3.920   1.00 0.00 ? 11 A A "O3'"  1 
ATOM 332 C "C2'"  . A A 1 11 ? 14.586  1.962   3.500   1.00 0.00 ? 11 A A "C2'"  1 
ATOM 333 O "O2'"  . A A 1 11 ? 15.349  1.582   4.650   1.00 0.00 ? 11 A A "O2'"  1 
ATOM 334 C "C1'"  . A A 1 11 ? 15.543  2.216   2.334   1.00 0.00 ? 11 A A "C1'"  1 
ATOM 335 N N9     . A A 1 11 ? 14.987  3.117   1.287   1.00 0.00 ? 11 A A N9     1 
ATOM 336 C C8     . A A 1 11 ? 14.433  2.809   0.063   1.00 0.00 ? 11 A A C8     1 
ATOM 337 N N7     . A A 1 11 ? 14.177  3.843   -0.694  1.00 0.00 ? 11 A A N7     1 
ATOM 338 C C5     . A A 1 11 ? 14.599  4.925   0.092   1.00 0.00 ? 11 A A C5     1 
ATOM 339 C C6     . A A 1 11 ? 14.669  6.331   -0.090  1.00 0.00 ? 11 A A C6     1 
ATOM 340 N N6     . A A 1 11 ? 14.293  6.979   -1.179  1.00 0.00 ? 11 A A N6     1 
ATOM 341 N N1     . A A 1 11 ? 15.160  7.129   0.861   1.00 0.00 ? 11 A A N1     1 
ATOM 342 C C2     . A A 1 11 ? 15.580  6.563   1.986   1.00 0.00 ? 11 A A C2     1 
ATOM 343 N N3     . A A 1 11 ? 15.590  5.269   2.301   1.00 0.00 ? 11 A A N3     1 
ATOM 344 C C4     . A A 1 11 ? 15.081  4.492   1.301   1.00 0.00 ? 11 A A C4     1 
ATOM 345 H "H5'"  . A A 1 11 ? 15.339  -1.553  0.888   1.00 0.00 ? 11 A A "H5'"  1 
ATOM 346 H "H5''" . A A 1 11 ? 13.811  -1.797  1.742   1.00 0.00 ? 11 A A "H5''" 1 
ATOM 347 H "H4'"  . A A 1 11 ? 15.351  -0.567  3.144   1.00 0.00 ? 11 A A "H4'"  1 
ATOM 348 H "H3'"  . A A 1 11 ? 13.124  1.174   2.091   1.00 0.00 ? 11 A A "H3'"  1 
ATOM 349 H "H2'"  . A A 1 11 ? 13.985  2.827   3.741   1.00 0.00 ? 11 A A "H2'"  1 
ATOM 350 H "HO2'" . A A 1 11 ? 14.749  1.160   5.296   1.00 0.00 ? 11 A A "HO2'" 1 
ATOM 351 H "H1'"  . A A 1 11 ? 16.444  2.705   2.705   1.00 0.00 ? 11 A A "H1'"  1 
ATOM 352 H H8     . A A 1 11 ? 14.265  1.796   -0.272  1.00 0.00 ? 11 A A H8     1 
ATOM 353 H H61    . A A 1 11 ? 14.390  7.981   -1.198  1.00 0.00 ? 11 A A H61    1 
ATOM 354 H H62    . A A 1 11 ? 13.901  6.458   -1.956  1.00 0.00 ? 11 A A H62    1 
ATOM 355 H H2     . A A 1 11 ? 15.970  7.237   2.739   1.00 0.00 ? 11 A A H2     1 
ATOM 356 P P      . C A 1 12 ? 11.459  0.713   4.232   1.00 0.00 ? 12 C A P      1 
ATOM 357 O OP1    . C A 1 12 ? 10.937  -0.092  5.365   1.00 0.00 ? 12 C A OP1    1 
ATOM 358 O OP2    . C A 1 12 ? 10.702  0.709   2.957   1.00 0.00 ? 12 C A OP2    1 
ATOM 359 O "O5'"  . C A 1 12 ? 11.595  2.248   4.716   1.00 0.00 ? 12 C A "O5'"  1 
ATOM 360 C "C5'"  . C A 1 12 ? 12.030  2.581   6.030   1.00 0.00 ? 12 C A "C5'"  1 
ATOM 361 C "C4'"  . C A 1 12 ? 12.151  4.096   6.264   1.00 0.00 ? 12 C A "C4'"  1 
ATOM 362 O "O4'"  . C A 1 12 ? 12.909  4.773   5.264   1.00 0.00 ? 12 C A "O4'"  1 
ATOM 363 C "C3'"  . C A 1 12 ? 10.798  4.800   6.321   1.00 0.00 ? 12 C A "C3'"  1 
ATOM 364 O "O3'"  . C A 1 12 ? 10.134  4.576   7.560   1.00 0.00 ? 12 C A "O3'"  1 
ATOM 365 C "C2'"  . C A 1 12 ? 11.239  6.257   6.115   1.00 0.00 ? 12 C A "C2'"  1 
ATOM 366 O "O2'"  . C A 1 12 ? 11.597  6.907   7.334   1.00 0.00 ? 12 C A "O2'"  1 
ATOM 367 C "C1'"  . C A 1 12 ? 12.507  6.145   5.256   1.00 0.00 ? 12 C A "C1'"  1 
ATOM 368 N N1     . C A 1 12 ? 12.274  6.675   3.879   1.00 0.00 ? 12 C A N1     1 
ATOM 369 C C2     . C A 1 12 ? 12.393  8.060   3.671   1.00 0.00 ? 12 C A C2     1 
ATOM 370 O O2     . C A 1 12 ? 12.720  8.830   4.576   1.00 0.00 ? 12 C A O2     1 
ATOM 371 N N3     . C A 1 12 ? 12.157  8.601   2.449   1.00 0.00 ? 12 C A N3     1 
ATOM 372 C C4     . C A 1 12 ? 11.843  7.795   1.455   1.00 0.00 ? 12 C A C4     1 
ATOM 373 N N4     . C A 1 12 ? 11.648  8.368   0.299   1.00 0.00 ? 12 C A N4     1 
ATOM 374 C C5     . C A 1 12 ? 11.724  6.386   1.594   1.00 0.00 ? 12 C A C5     1 
ATOM 375 C C6     . C A 1 12 ? 11.933  5.856   2.828   1.00 0.00 ? 12 C A C6     1 
ATOM 376 H "H5'"  . C A 1 12 ? 12.996  2.126   6.226   1.00 0.00 ? 12 C A "H5'"  1 
ATOM 377 H "H5''" . C A 1 12 ? 11.326  2.177   6.760   1.00 0.00 ? 12 C A "H5''" 1 
ATOM 378 H "H4'"  . C A 1 12 ? 12.638  4.253   7.229   1.00 0.00 ? 12 C A "H4'"  1 
ATOM 379 H "H3'"  . C A 1 12 ? 10.187  4.476   5.475   1.00 0.00 ? 12 C A "H3'"  1 
ATOM 380 H "H2'"  . C A 1 12 ? 10.457  6.808   5.594   1.00 0.00 ? 12 C A "H2'"  1 
ATOM 381 H "HO2'" . C A 1 12 ? 10.803  6.942   7.904   1.00 0.00 ? 12 C A "HO2'" 1 
ATOM 382 H "H1'"  . C A 1 12 ? 13.281  6.754   5.737   1.00 0.00 ? 12 C A "H1'"  1 
ATOM 383 H H41    . C A 1 12 ? 11.750  9.369   0.248   1.00 0.00 ? 12 C A H41    1 
ATOM 384 H H42    . C A 1 12 ? 11.443  7.805   -0.507  1.00 0.00 ? 12 C A H42    1 
ATOM 385 H H5     . C A 1 12 ? 11.489  5.747   0.757   1.00 0.00 ? 12 C A H5     1 
ATOM 386 H H6     . C A 1 12 ? 11.848  4.786   2.988   1.00 0.00 ? 12 C A H6     1 
ATOM 387 P P      . A A 1 13 ? 8.579   4.902   7.732   1.00 0.00 ? 13 A A P      1 
ATOM 388 O OP1    . A A 1 13 ? 8.210   4.626   9.142   1.00 0.00 ? 13 A A OP1    1 
ATOM 389 O OP2    . A A 1 13 ? 7.850   4.200   6.648   1.00 0.00 ? 13 A A OP2    1 
ATOM 390 O "O5'"  . A A 1 13 ? 8.466   6.490   7.492   1.00 0.00 ? 13 A A "O5'"  1 
ATOM 391 C "C5'"  . A A 1 13 ? 7.213   7.084   7.191   1.00 0.00 ? 13 A A "C5'"  1 
ATOM 392 C "C4'"  . A A 1 13 ? 7.334   8.353   6.324   1.00 0.00 ? 13 A A "C4'"  1 
ATOM 393 O "O4'"  . A A 1 13 ? 8.316   8.260   5.285   1.00 0.00 ? 13 A A "O4'"  1 
ATOM 394 C "C3'"  . A A 1 13 ? 5.984   8.596   5.635   1.00 0.00 ? 13 A A "C3'"  1 
ATOM 395 O "O3'"  . A A 1 13 ? 5.067   9.362   6.411   1.00 0.00 ? 13 A A "O3'"  1 
ATOM 396 C "C2'"  . A A 1 13 ? 6.397   9.286   4.329   1.00 0.00 ? 13 A A "C2'"  1 
ATOM 397 O "O2'"  . A A 1 13 ? 6.623   10.687  4.492   1.00 0.00 ? 13 A A "O2'"  1 
ATOM 398 C "C1'"  . A A 1 13 ? 7.734   8.611   4.030   1.00 0.00 ? 13 A A "C1'"  1 
ATOM 399 N N9     . A A 1 13 ? 7.624   7.384   3.203   1.00 0.00 ? 13 A A N9     1 
ATOM 400 C C8     . A A 1 13 ? 7.391   6.081   3.592   1.00 0.00 ? 13 A A C8     1 
ATOM 401 N N7     . A A 1 13 ? 7.453   5.207   2.619   1.00 0.00 ? 13 A A N7     1 
ATOM 402 C C5     . A A 1 13 ? 7.770   6.000   1.506   1.00 0.00 ? 13 A A C5     1 
ATOM 403 C C6     . A A 1 13 ? 8.032   5.743   0.137   1.00 0.00 ? 13 A A C6     1 
ATOM 404 N N6     . A A 1 13 ? 8.012   4.551   -0.421  1.00 0.00 ? 13 A A N6     1 
ATOM 405 N N1     . A A 1 13 ? 8.341   6.724   -0.711  1.00 0.00 ? 13 A A N1     1 
ATOM 406 C C2     . A A 1 13 ? 8.392   7.961   -0.229  1.00 0.00 ? 13 A A C2     1 
ATOM 407 N N3     . A A 1 13 ? 8.174   8.362   1.023   1.00 0.00 ? 13 A A N3     1 
ATOM 408 C C4     . A A 1 13 ? 7.867   7.322   1.850   1.00 0.00 ? 13 A A C4     1 
ATOM 409 H "H5'"  . A A 1 13 ? 6.690   7.332   8.116   1.00 0.00 ? 13 A A "H5'"  1 
ATOM 410 H "H5''" . A A 1 13 ? 6.596   6.361   6.659   1.00 0.00 ? 13 A A "H5''" 1 
ATOM 411 H "H4'"  . A A 1 13 ? 7.572   9.209   6.956   1.00 0.00 ? 13 A A "H4'"  1 
ATOM 412 H "H3'"  . A A 1 13 ? 5.541   7.632   5.376   1.00 0.00 ? 13 A A "H3'"  1 
ATOM 413 H "H2'"  . A A 1 13 ? 5.676   9.098   3.529   1.00 0.00 ? 13 A A "H2'"  1 
ATOM 414 H "HO2'" . A A 1 13 ? 5.815   11.087  4.871   1.00 0.00 ? 13 A A "HO2'" 1 
ATOM 415 H "H1'"  . A A 1 13 ? 8.337   9.335   3.472   1.00 0.00 ? 13 A A "H1'"  1 
ATOM 416 H H8     . A A 1 13 ? 7.199   5.795   4.617   1.00 0.00 ? 13 A A H8     1 
ATOM 417 H H61    . A A 1 13 ? 8.233   4.474   -1.396  1.00 0.00 ? 13 A A H61    1 
ATOM 418 H H62    . A A 1 13 ? 7.800   3.743   0.145   1.00 0.00 ? 13 A A H62    1 
ATOM 419 H H2     . A A 1 13 ? 8.656   8.735   -0.935  1.00 0.00 ? 13 A A H2     1 
ATOM 420 P P      . G A 1 14 ? 3.492   9.166   6.196   1.00 0.00 ? 14 G A P      1 
ATOM 421 O OP1    . G A 1 14 ? 2.804   10.417  6.598   1.00 0.00 ? 14 G A OP1    1 
ATOM 422 O OP2    . G A 1 14 ? 3.098   7.878   6.815   1.00 0.00 ? 14 G A OP2    1 
ATOM 423 O "O5'"  . G A 1 14 ? 3.425   9.015   4.606   1.00 0.00 ? 14 G A "O5'"  1 
ATOM 424 C "C5'"  . G A 1 14 ? 2.236   8.724   3.906   1.00 0.00 ? 14 G A "C5'"  1 
ATOM 425 C "C4'"  . G A 1 14 ? 2.360   9.320   2.501   1.00 0.00 ? 14 G A "C4'"  1 
ATOM 426 O "O4'"  . G A 1 14 ? 3.453   8.752   1.774   1.00 0.00 ? 14 G A "O4'"  1 
ATOM 427 C "C3'"  . G A 1 14 ? 1.105   9.056   1.673   1.00 0.00 ? 14 G A "C3'"  1 
ATOM 428 O "O3'"  . G A 1 14 ? 0.071   9.990   1.950   1.00 0.00 ? 14 G A "O3'"  1 
ATOM 429 C "C2'"  . G A 1 14 ? 1.678   9.157   0.255   1.00 0.00 ? 14 G A "C2'"  1 
ATOM 430 O "O2'"  . G A 1 14 ? 1.922   10.504  -0.153  1.00 0.00 ? 14 G A "O2'"  1 
ATOM 431 C "C1'"  . G A 1 14 ? 3.032   8.456   0.444   1.00 0.00 ? 14 G A "C1'"  1 
ATOM 432 N N9     . G A 1 14 ? 2.930   6.982   0.271   1.00 0.00 ? 14 G A N9     1 
ATOM 433 C C8     . G A 1 14 ? 3.105   5.986   1.205   1.00 0.00 ? 14 G A C8     1 
ATOM 434 N N7     . G A 1 14 ? 2.928   4.775   0.740   1.00 0.00 ? 14 G A N7     1 
ATOM 435 C C5     . G A 1 14 ? 2.643   4.978   -0.619  1.00 0.00 ? 14 G A C5     1 
ATOM 436 C C6     . G A 1 14 ? 2.371   4.052   -1.693  1.00 0.00 ? 14 G A C6     1 
ATOM 437 O O6     . G A 1 14 ? 2.295   2.822   -1.666  1.00 0.00 ? 14 G A O6     1 
ATOM 438 N N1     . G A 1 14 ? 2.196   4.671   -2.918  1.00 0.00 ? 14 G A N1     1 
ATOM 439 C C2     . G A 1 14 ? 2.248   6.014   -3.097  1.00 0.00 ? 14 G A C2     1 
ATOM 440 N N2     . G A 1 14 ? 2.038   6.471   -4.302  1.00 0.00 ? 14 G A N2     1 
ATOM 441 N N3     . G A 1 14 ? 2.481   6.905   -2.136  1.00 0.00 ? 14 G A N3     1 
ATOM 442 C C4     . G A 1 14 ? 2.673   6.326   -0.913  1.00 0.00 ? 14 G A C4     1 
ATOM 443 H "H5'"  . G A 1 14 ? 1.387   9.194   4.405   1.00 0.00 ? 14 G A "H5'"  1 
ATOM 444 H "H5''" . G A 1 14 ? 2.075   7.646   3.857   1.00 0.00 ? 14 G A "H5''" 1 
ATOM 445 H "H4'"  . G A 1 14 ? 2.506   10.399  2.576   1.00 0.00 ? 14 G A "H4'"  1 
ATOM 446 H "H3'"  . G A 1 14 ? 0.774   8.031   1.853   1.00 0.00 ? 14 G A "H3'"  1 
ATOM 447 H "H2'"  . G A 1 14 ? 1.043   8.640   -0.468  1.00 0.00 ? 14 G A "H2'"  1 
ATOM 448 H "HO2'" . G A 1 14 ? 1.127   11.037  0.045   1.00 0.00 ? 14 G A "HO2'" 1 
ATOM 449 H "H1'"  . G A 1 14 ? 3.744   8.842   -0.290  1.00 0.00 ? 14 G A "H1'"  1 
ATOM 450 H H8     . G A 1 14 ? 3.369   6.195   2.237   1.00 0.00 ? 14 G A H8     1 
ATOM 451 H H1     . G A 1 14 ? 2.030   4.077   -3.715  1.00 0.00 ? 14 G A H1     1 
ATOM 452 H H21    . G A 1 14 ? 1.842   5.830   -5.068  1.00 0.00 ? 14 G A H21    1 
ATOM 453 H H22    . G A 1 14 ? 2.085   7.466   -4.446  1.00 0.00 ? 14 G A H22    1 
ATOM 454 P P      . G A 1 15 ? -1.468  9.561   1.871   1.00 0.00 ? 15 G A P      1 
ATOM 455 O OP1    . G A 1 15 ? -2.286  10.721  2.304   1.00 0.00 ? 15 G A OP1    1 
ATOM 456 O OP2    . G A 1 15 ? -1.625  8.268   2.581   1.00 0.00 ? 15 G A OP2    1 
ATOM 457 O "O5'"  . G A 1 15 ? -1.710  9.306   0.305   1.00 0.00 ? 15 G A "O5'"  1 
ATOM 458 C "C5'"  . G A 1 15 ? -1.808  10.390  -0.608  1.00 0.00 ? 15 G A "C5'"  1 
ATOM 459 C "C4'"  . G A 1 15 ? -2.055  9.909   -2.041  1.00 0.00 ? 15 G A "C4'"  1 
ATOM 460 O "O4'"  . G A 1 15 ? -0.967  9.139   -2.552  1.00 0.00 ? 15 G A "O4'"  1 
ATOM 461 C "C3'"  . G A 1 15 ? -3.304  9.037   -2.190  1.00 0.00 ? 15 G A "C3'"  1 
ATOM 462 O "O3'"  . G A 1 15 ? -4.523  9.764   -2.165  1.00 0.00 ? 15 G A "O3'"  1 
ATOM 463 C "C2'"  . G A 1 15 ? -3.003  8.398   -3.550  1.00 0.00 ? 15 G A "C2'"  1 
ATOM 464 O "O2'"  . G A 1 15 ? -3.193  9.294   -4.647  1.00 0.00 ? 15 G A "O2'"  1 
ATOM 465 C "C1'"  . G A 1 15 ? -1.500  8.125   -3.405  1.00 0.00 ? 15 G A "C1'"  1 
ATOM 466 N N9     . G A 1 15 ? -1.270  6.778   -2.824  1.00 0.00 ? 15 G A N9     1 
ATOM 467 C C8     . G A 1 15 ? -0.944  6.422   -1.538  1.00 0.00 ? 15 G A C8     1 
ATOM 468 N N7     . G A 1 15 ? -0.797  5.134   -1.358  1.00 0.00 ? 15 G A N7     1 
ATOM 469 C C5     . G A 1 15 ? -1.063  4.589   -2.624  1.00 0.00 ? 15 G A C5     1 
ATOM 470 C C6     . G A 1 15 ? -1.072  3.229   -3.107  1.00 0.00 ? 15 G A C6     1 
ATOM 471 O O6     . G A 1 15 ? -0.829  2.182   -2.504  1.00 0.00 ? 15 G A O6     1 
ATOM 472 N N1     . G A 1 15 ? -1.414  3.123   -4.441  1.00 0.00 ? 15 G A N1     1 
ATOM 473 C C2     . G A 1 15 ? -1.698  4.187   -5.233  1.00 0.00 ? 15 G A C2     1 
ATOM 474 N N2     . G A 1 15 ? -2.043  3.948   -6.469  1.00 0.00 ? 15 G A N2     1 
ATOM 475 N N3     . G A 1 15 ? -1.688  5.456   -4.838  1.00 0.00 ? 15 G A N3     1 
ATOM 476 C C4     . G A 1 15 ? -1.360  5.595   -3.518  1.00 0.00 ? 15 G A C4     1 
ATOM 477 H "H5'"  . G A 1 15 ? -0.892  10.982  -0.588  1.00 0.00 ? 15 G A "H5'"  1 
ATOM 478 H "H5''" . G A 1 15 ? -2.638  11.036  -0.317  1.00 0.00 ? 15 G A "H5''" 1 
ATOM 479 H "H4'"  . G A 1 15 ? -2.180  10.786  -2.677  1.00 0.00 ? 15 G A "H4'"  1 
ATOM 480 H "H3'"  . G A 1 15 ? -3.291  8.265   -1.418  1.00 0.00 ? 15 G A "H3'"  1 
ATOM 481 H "H2'"  . G A 1 15 ? -3.574  7.478   -3.694  1.00 0.00 ? 15 G A "H2'"  1 
ATOM 482 H "HO2'" . G A 1 15 ? -4.064  9.727   -4.546  1.00 0.00 ? 15 G A "HO2'" 1 
ATOM 483 H "H1'"  . G A 1 15 ? -1.032  8.158   -4.392  1.00 0.00 ? 15 G A "H1'"  1 
ATOM 484 H H8     . G A 1 15 ? -0.813  7.153   -0.749  1.00 0.00 ? 15 G A H8     1 
ATOM 485 H H1     . G A 1 15 ? -1.441  2.196   -4.839  1.00 0.00 ? 15 G A H1     1 
ATOM 486 H H21    . G A 1 15 ? -2.129  2.990   -6.801  1.00 0.00 ? 15 G A H21    1 
ATOM 487 H H22    . G A 1 15 ? -2.275  4.733   -7.056  1.00 0.00 ? 15 G A H22    1 
ATOM 488 P P      . A A 1 16 ? -5.882  9.062   -1.680  1.00 0.00 ? 16 A A P      1 
ATOM 489 O OP1    . A A 1 16 ? -6.961  10.079  -1.746  1.00 0.00 ? 16 A A OP1    1 
ATOM 490 O OP2    . A A 1 16 ? -5.621  8.384   -0.388  1.00 0.00 ? 16 A A OP2    1 
ATOM 491 O "O5'"  . A A 1 16 ? -6.169  7.928   -2.784  1.00 0.00 ? 16 A A "O5'"  1 
ATOM 492 C "C5'"  . A A 1 16 ? -6.677  8.262   -4.068  1.00 0.00 ? 16 A A "C5'"  1 
ATOM 493 C "C4'"  . A A 1 16 ? -6.910  7.020   -4.938  1.00 0.00 ? 16 A A "C4'"  1 
ATOM 494 O "O4'"  . A A 1 16 ? -5.706  6.310   -5.217  1.00 0.00 ? 16 A A "O4'"  1 
ATOM 495 C "C3'"  . A A 1 16 ? -7.869  5.999   -4.320  1.00 0.00 ? 16 A A "C3'"  1 
ATOM 496 O "O3'"  . A A 1 16 ? -9.236  6.387   -4.367  1.00 0.00 ? 16 A A "O3'"  1 
ATOM 497 C "C2'"  . A A 1 16 ? -7.545  4.790   -5.207  1.00 0.00 ? 16 A A "C2'"  1 
ATOM 498 O "O2'"  . A A 1 16 ? -8.118  4.889   -6.513  1.00 0.00 ? 16 A A "O2'"  1 
ATOM 499 C "C1'"  . A A 1 16 ? -6.023  4.924   -5.344  1.00 0.00 ? 16 A A "C1'"  1 
ATOM 500 N N9     . A A 1 16 ? -5.337  4.136   -4.291  1.00 0.00 ? 16 A A N9     1 
ATOM 501 C C8     . A A 1 16 ? -4.830  4.553   -3.083  1.00 0.00 ? 16 A A C8     1 
ATOM 502 N N7     . A A 1 16 ? -4.283  3.598   -2.372  1.00 0.00 ? 16 A A N7     1 
ATOM 503 C C5     . A A 1 16 ? -4.458  2.459   -3.177  1.00 0.00 ? 16 A A C5     1 
ATOM 504 C C6     . A A 1 16 ? -4.127  1.083   -3.065  1.00 0.00 ? 16 A A C6     1 
ATOM 505 N N6     . A A 1 16 ? -3.486  0.533   -2.052  1.00 0.00 ? 16 A A N6     1 
ATOM 506 N N1     . A A 1 16 ? -4.469  0.212   -4.017  1.00 0.00 ? 16 A A N1     1 
ATOM 507 C C2     . A A 1 16 ? -5.098  0.676   -5.089  1.00 0.00 ? 16 A A C2     1 
ATOM 508 N N3     . A A 1 16 ? -5.457  1.929   -5.346  1.00 0.00 ? 16 A A N3     1 
ATOM 509 C C4     . A A 1 16 ? -5.107  2.780   -4.340  1.00 0.00 ? 16 A A C4     1 
ATOM 510 H "H5'"  . A A 1 16 ? -5.986  8.928   -4.583  1.00 0.00 ? 16 A A "H5'"  1 
ATOM 511 H "H5''" . A A 1 16 ? -7.631  8.781   -3.957  1.00 0.00 ? 16 A A "H5''" 1 
ATOM 512 H "H4'"  . A A 1 16 ? -7.340  7.350   -5.886  1.00 0.00 ? 16 A A "H4'"  1 
ATOM 513 H "H3'"  . A A 1 16 ? -7.553  5.793   -3.294  1.00 0.00 ? 16 A A "H3'"  1 
ATOM 514 H "H2'"  . A A 1 16 ? -7.831  3.853   -4.723  1.00 0.00 ? 16 A A "H2'"  1 
ATOM 515 H "HO2'" . A A 1 16 ? -9.058  5.138   -6.420  1.00 0.00 ? 16 A A "HO2'" 1 
ATOM 516 H "H1'"  . A A 1 16 ? -5.716  4.540   -6.321  1.00 0.00 ? 16 A A "H1'"  1 
ATOM 517 H H8     . A A 1 16 ? -4.877  5.586   -2.757  1.00 0.00 ? 16 A A H8     1 
ATOM 518 H H61    . A A 1 16 ? -3.256  -0.452  -2.085  1.00 0.00 ? 16 A A H61    1 
ATOM 519 H H62    . A A 1 16 ? -3.160  1.123   -1.302  1.00 0.00 ? 16 A A H62    1 
ATOM 520 H H2     . A A 1 16 ? -5.345  -0.055  -5.849  1.00 0.00 ? 16 A A H2     1 
ATOM 521 P P      . U A 1 17 ? -10.296 5.791   -3.320  1.00 0.00 ? 17 U A P      1 
ATOM 522 O OP1    . U A 1 17 ? -11.610 6.422   -3.600  1.00 0.00 ? 17 U A OP1    1 
ATOM 523 O OP2    . U A 1 17 ? -9.725  5.910   -1.957  1.00 0.00 ? 17 U A OP2    1 
ATOM 524 O "O5'"  . U A 1 17 ? -10.388 4.225   -3.678  1.00 0.00 ? 17 U A "O5'"  1 
ATOM 525 C "C5'"  . U A 1 17 ? -11.107 3.769   -4.815  1.00 0.00 ? 17 U A "C5'"  1 
ATOM 526 C "C4'"  . U A 1 17 ? -10.986 2.250   -5.001  1.00 0.00 ? 17 U A "C4'"  1 
ATOM 527 O "O4'"  . U A 1 17 ? -9.634  1.828   -5.186  1.00 0.00 ? 17 U A "O4'"  1 
ATOM 528 C "C3'"  . U A 1 17 ? -11.525 1.428   -3.828  1.00 0.00 ? 17 U A "C3'"  1 
ATOM 529 O "O3'"  . U A 1 17 ? -12.945 1.373   -3.756  1.00 0.00 ? 17 U A "O3'"  1 
ATOM 530 C "C2'"  . U A 1 17 ? -10.885 0.076   -4.166  1.00 0.00 ? 17 U A "C2'"  1 
ATOM 531 O "O2'"  . U A 1 17 ? -11.537 -0.590  -5.251  1.00 0.00 ? 17 U A "O2'"  1 
ATOM 532 C "C1'"  . U A 1 17 ? -9.493  0.511   -4.645  1.00 0.00 ? 17 U A "C1'"  1 
ATOM 533 N N1     . U A 1 17 ? -8.519  0.455   -3.515  1.00 0.00 ? 17 U A N1     1 
ATOM 534 C C2     . U A 1 17 ? -7.967  -0.794  -3.200  1.00 0.00 ? 17 U A C2     1 
ATOM 535 O O2     . U A 1 17 ? -8.188  -1.823  -3.841  1.00 0.00 ? 17 U A O2     1 
ATOM 536 N N3     . U A 1 17 ? -7.151  -0.856  -2.093  1.00 0.00 ? 17 U A N3     1 
ATOM 537 C C4     . U A 1 17 ? -6.833  0.191   -1.265  1.00 0.00 ? 17 U A C4     1 
ATOM 538 O O4     . U A 1 17 ? -6.118  0.000   -0.287  1.00 0.00 ? 17 U A O4     1 
ATOM 539 C C5     . U A 1 17 ? -7.413  1.457   -1.659  1.00 0.00 ? 17 U A C5     1 
ATOM 540 C C6     . U A 1 17 ? -8.226  1.562   -2.743  1.00 0.00 ? 17 U A C6     1 
ATOM 541 H "H5'"  . U A 1 17 ? -10.735 4.260   -5.714  1.00 0.00 ? 17 U A "H5'"  1 
ATOM 542 H "H5''" . U A 1 17 ? -12.163 4.020   -4.703  1.00 0.00 ? 17 U A "H5''" 1 
ATOM 543 H "H4'"  . U A 1 17 ? -11.556 1.975   -5.890  1.00 0.00 ? 17 U A "H4'"  1 
ATOM 544 H "H3'"  . U A 1 17 ? -11.100 1.815   -2.899  1.00 0.00 ? 17 U A "H3'"  1 
ATOM 545 H "H2'"  . U A 1 17 ? -10.833 -0.567  -3.284  1.00 0.00 ? 17 U A "H2'"  1 
ATOM 546 H "HO2'" . U A 1 17 ? -12.502 -0.537  -5.112  1.00 0.00 ? 17 U A "HO2'" 1 
ATOM 547 H "H1'"  . U A 1 17 ? -9.160  -0.176  -5.427  1.00 0.00 ? 17 U A "H1'"  1 
ATOM 548 H H3     . U A 1 17 ? -6.783  -1.762  -1.845  1.00 0.00 ? 17 U A H3     1 
ATOM 549 H H5     . U A 1 17 ? -7.193  2.332   -1.064  1.00 0.00 ? 17 U A H5     1 
ATOM 550 H H6     . U A 1 17 ? -8.657  2.522   -3.002  1.00 0.00 ? 17 U A H6     1 
ATOM 551 P P      . C A 1 18 ? -13.688 1.024   -2.374  1.00 0.00 ? 18 C A P      1 
ATOM 552 O OP1    . C A 1 18 ? -15.150 1.100   -2.620  1.00 0.00 ? 18 C A OP1    1 
ATOM 553 O OP2    . C A 1 18 ? -13.102 1.870   -1.306  1.00 0.00 ? 18 C A OP2    1 
ATOM 554 O "O5'"  . C A 1 18 ? -13.298 -0.504  -2.061  1.00 0.00 ? 18 C A "O5'"  1 
ATOM 555 C "C5'"  . C A 1 18 ? -13.879 -1.579  -2.786  1.00 0.00 ? 18 C A "C5'"  1 
ATOM 556 C "C4'"  . C A 1 18 ? -13.286 -2.939  -2.392  1.00 0.00 ? 18 C A "C4'"  1 
ATOM 557 O "O4'"  . C A 1 18 ? -11.870 -2.999  -2.569  1.00 0.00 ? 18 C A "O4'"  1 
ATOM 558 C "C3'"  . C A 1 18 ? -13.546 -3.345  -0.940  1.00 0.00 ? 18 C A "C3'"  1 
ATOM 559 O "O3'"  . C A 1 18 ? -14.878 -3.774  -0.684  1.00 0.00 ? 18 C A "O3'"  1 
ATOM 560 C "C2'"  . C A 1 18 ? -12.517 -4.475  -0.821  1.00 0.00 ? 18 C A "C2'"  1 
ATOM 561 O "O2'"  . C A 1 18 ? -12.914 -5.666  -1.502  1.00 0.00 ? 18 C A "O2'"  1 
ATOM 562 C "C1'"  . C A 1 18 ? -11.326 -3.883  -1.584  1.00 0.00 ? 18 C A "C1'"  1 
ATOM 563 N N1     . C A 1 18 ? -10.390 -3.188  -0.648  1.00 0.00 ? 18 C A N1     1 
ATOM 564 C C2     . C A 1 18 ? -9.499  -3.970  0.100   1.00 0.00 ? 18 C A C2     1 
ATOM 565 O O2     . C A 1 18 ? -9.462  -5.196  -0.001  1.00 0.00 ? 18 C A O2     1 
ATOM 566 N N3     . C A 1 18 ? -8.634  -3.399  0.971   1.00 0.00 ? 18 C A N3     1 
ATOM 567 C C4     . C A 1 18 ? -8.636  -2.089  1.092   1.00 0.00 ? 18 C A C4     1 
ATOM 568 N N4     . C A 1 18 ? -7.764  -1.596  1.923   1.00 0.00 ? 18 C A N4     1 
ATOM 569 C C5     . C A 1 18 ? -9.521  -1.238  0.374   1.00 0.00 ? 18 C A C5     1 
ATOM 570 C C6     . C A 1 18 ? -10.393 -1.823  -0.483  1.00 0.00 ? 18 C A C6     1 
ATOM 571 H "H5'"  . C A 1 18 ? -13.726 -1.432  -3.855  1.00 0.00 ? 18 C A "H5'"  1 
ATOM 572 H "H5''" . C A 1 18 ? -14.954 -1.605  -2.601  1.00 0.00 ? 18 C A "H5''" 1 
ATOM 573 H "H4'"  . C A 1 18 ? -13.742 -3.696  -3.032  1.00 0.00 ? 18 C A "H4'"  1 
ATOM 574 H "H3'"  . C A 1 18 ? -13.266 -2.517  -0.285  1.00 0.00 ? 18 C A "H3'"  1 
ATOM 575 H "H2'"  . C A 1 18 ? -12.275 -4.685  0.223   1.00 0.00 ? 18 C A "H2'"  1 
ATOM 576 H "HO2'" . C A 1 18 ? -13.850 -5.844  -1.294  1.00 0.00 ? 18 C A "HO2'" 1 
ATOM 577 H "H1'"  . C A 1 18 ? -10.786 -4.701  -2.074  1.00 0.00 ? 18 C A "H1'"  1 
ATOM 578 H H41    . C A 1 18 ? -7.135  -2.245  2.383   1.00 0.00 ? 18 C A H41    1 
ATOM 579 H H42    . C A 1 18 ? -7.651  -0.600  1.998   1.00 0.00 ? 18 C A H42    1 
ATOM 580 H H5     . C A 1 18 ? -9.524  -0.166  0.493   1.00 0.00 ? 18 C A H5     1 
ATOM 581 H H6     . C A 1 18 ? -11.093 -1.215  -1.042  1.00 0.00 ? 18 C A H6     1 
ATOM 582 P P      . C A 1 19 ? -15.476 -3.769  0.806   1.00 0.00 ? 19 C A P      1 
ATOM 583 O OP1    . C A 1 19 ? -16.885 -4.228  0.726   1.00 0.00 ? 19 C A OP1    1 
ATOM 584 O OP2    . C A 1 19 ? -15.192 -2.447  1.414   1.00 0.00 ? 19 C A OP2    1 
ATOM 585 O "O5'"  . C A 1 19 ? -14.622 -4.873  1.607   1.00 0.00 ? 19 C A "O5'"  1 
ATOM 586 C "C5'"  . C A 1 19 ? -14.818 -6.263  1.391   1.00 0.00 ? 19 C A "C5'"  1 
ATOM 587 C "C4'"  . C A 1 19 ? -13.820 -7.122  2.180   1.00 0.00 ? 19 C A "C4'"  1 
ATOM 588 O "O4'"  . C A 1 19 ? -12.459 -6.814  1.875   1.00 0.00 ? 19 C A "O4'"  1 
ATOM 589 C "C3'"  . C A 1 19 ? -13.953 -6.998  3.699   1.00 0.00 ? 19 C A "C3'"  1 
ATOM 590 O "O3'"  . C A 1 19 ? -15.077 -7.691  4.227   1.00 0.00 ? 19 C A "O3'"  1 
ATOM 591 C "C2'"  . C A 1 19 ? -12.609 -7.614  4.112   1.00 0.00 ? 19 C A "C2'"  1 
ATOM 592 O "O2'"  . C A 1 19 ? -12.587 -9.036  3.985   1.00 0.00 ? 19 C A "O2'"  1 
ATOM 593 C "C1'"  . C A 1 19 ? -11.667 -7.041  3.045   1.00 0.00 ? 19 C A "C1'"  1 
ATOM 594 N N1     . C A 1 19 ? -11.000 -5.791  3.524   1.00 0.00 ? 19 C A N1     1 
ATOM 595 C C2     . C A 1 19 ? -9.861  -5.915  4.331   1.00 0.00 ? 19 C A C2     1 
ATOM 596 O O2     . C A 1 19 ? -9.430  -7.010  4.692   1.00 0.00 ? 19 C A O2     1 
ATOM 597 N N3     . C A 1 19 ? -9.183  -4.822  4.752   1.00 0.00 ? 19 C A N3     1 
ATOM 598 C C4     . C A 1 19 ? -9.627  -3.632  4.399   1.00 0.00 ? 19 C A C4     1 
ATOM 599 N N4     . C A 1 19 ? -8.934  -2.618  4.831   1.00 0.00 ? 19 C A N4     1 
ATOM 600 C C5     . C A 1 19 ? -10.799 -3.433  3.619   1.00 0.00 ? 19 C A C5     1 
ATOM 601 C C6     . C A 1 19 ? -11.464 -4.538  3.200   1.00 0.00 ? 19 C A C6     1 
ATOM 602 H "H5'"  . C A 1 19 ? -14.713 -6.495  0.332   1.00 0.00 ? 19 C A "H5'"  1 
ATOM 603 H "H5''" . C A 1 19 ? -15.829 -6.540  1.697   1.00 0.00 ? 19 C A "H5''" 1 
ATOM 604 H "H4'"  . C A 1 19 ? -13.999 -8.165  1.918   1.00 0.00 ? 19 C A "H4'"  1 
ATOM 605 H "H3'"  . C A 1 19 ? -13.972 -5.942  3.970   1.00 0.00 ? 19 C A "H3'"  1 
ATOM 606 H "H2'"  . C A 1 19 ? -12.324 -7.309  5.120   1.00 0.00 ? 19 C A "H2'"  1 
ATOM 607 H "HO2'" . C A 1 19 ? -13.402 -9.395  4.384   1.00 0.00 ? 19 C A "HO2'" 1 
ATOM 608 H "H1'"  . C A 1 19 ? -10.894 -7.786  2.831   1.00 0.00 ? 19 C A "H1'"  1 
ATOM 609 H H41    . C A 1 19 ? -8.105  -2.811  5.381   1.00 0.00 ? 19 C A H41    1 
ATOM 610 H H42    . C A 1 19 ? -9.191  -1.685  4.562   1.00 0.00 ? 19 C A H42    1 
ATOM 611 H H5     . C A 1 19 ? -11.161 -2.452  3.354   1.00 0.00 ? 19 C A H5     1 
ATOM 612 H H6     . C A 1 19 ? -12.361 -4.436  2.601   1.00 0.00 ? 19 C A H6     1 
ATOM 613 P P      . C A 1 20 ? -15.702 -7.288  5.650   1.00 0.00 ? 20 C A P      1 
ATOM 614 O OP1    . C A 1 20 ? -16.883 -8.155  5.887   1.00 0.00 ? 20 C A OP1    1 
ATOM 615 O OP2    . C A 1 20 ? -15.882 -5.817  5.679   1.00 0.00 ? 20 C A OP2    1 
ATOM 616 O "O5'"  . C A 1 20 ? -14.566 -7.665  6.722   1.00 0.00 ? 20 C A "O5'"  1 
ATOM 617 C "C5'"  . C A 1 20 ? -14.316 -9.012  7.102   1.00 0.00 ? 20 C A "C5'"  1 
ATOM 618 C "C4'"  . C A 1 20 ? -13.137 -9.120  8.079   1.00 0.00 ? 20 C A "C4'"  1 
ATOM 619 O "O4'"  . C A 1 20 ? -11.917 -8.642  7.514   1.00 0.00 ? 20 C A "O4'"  1 
ATOM 620 C "C3'"  . C A 1 20 ? -13.344 -8.345  9.384   1.00 0.00 ? 20 C A "C3'"  1 
ATOM 621 O "O3'"  . C A 1 20 ? -14.206 -9.002  10.315  1.00 0.00 ? 20 C A "O3'"  1 
ATOM 622 C "C2'"  . C A 1 20 ? -11.892 -8.252  9.874   1.00 0.00 ? 20 C A "C2'"  1 
ATOM 623 O "O2'"  . C A 1 20 ? -11.440 -9.450  10.511  1.00 0.00 ? 20 C A "O2'"  1 
ATOM 624 C "C1'"  . C A 1 20 ? -11.118 -8.083  8.557   1.00 0.00 ? 20 C A "C1'"  1 
ATOM 625 N N1     . C A 1 20 ? -10.808 -6.642  8.307   1.00 0.00 ? 20 C A N1     1 
ATOM 626 C C2     . C A 1 20 ? -9.655  -6.103  8.896   1.00 0.00 ? 20 C A C2     1 
ATOM 627 O O2     . C A 1 20 ? -8.879  -6.786  9.565   1.00 0.00 ? 20 C A O2     1 
ATOM 628 N N3     . C A 1 20 ? -9.361  -4.788  8.768   1.00 0.00 ? 20 C A N3     1 
ATOM 629 C C4     . C A 1 20 ? -10.178 -4.023  8.073   1.00 0.00 ? 20 C A C4     1 
ATOM 630 N N4     . C A 1 20 ? -9.858  -2.762  8.018   1.00 0.00 ? 20 C A N4     1 
ATOM 631 C C5     . C A 1 20 ? -11.366 -4.503  7.457   1.00 0.00 ? 20 C A C5     1 
ATOM 632 C C6     . C A 1 20 ? -11.654 -5.821  7.600   1.00 0.00 ? 20 C A C6     1 
ATOM 633 H "H5'"  . C A 1 20 ? -14.099 -9.617  6.222   1.00 0.00 ? 20 C A "H5'"  1 
ATOM 634 H "H5''" . C A 1 20 ? -15.203 -9.424  7.586   1.00 0.00 ? 20 C A "H5''" 1 
ATOM 635 H "H4'"  . C A 1 20 ? -13.005 -10.173 8.336   1.00 0.00 ? 20 C A "H4'"  1 
ATOM 636 H "H3'"  . C A 1 20 ? -13.714 -7.342  9.162   1.00 0.00 ? 20 C A "H3'"  1 
ATOM 637 H "HO3'" . C A 1 20 ? -14.305 -8.425  11.104  1.00 0.00 ? 20 C A "HO3'" 1 
ATOM 638 H "H2'"  . C A 1 20 ? -11.760 -7.391  10.534  1.00 0.00 ? 20 C A "H2'"  1 
ATOM 639 H "HO2'" . C A 1 20 ? -12.081 -9.685  11.214  1.00 0.00 ? 20 C A "HO2'" 1 
ATOM 640 H "H1'"  . C A 1 20 ? -10.177 -8.636  8.634   1.00 0.00 ? 20 C A "H1'"  1 
ATOM 641 H H41    . C A 1 20 ? -9.008  -2.470  8.488   1.00 0.00 ? 20 C A H41    1 
ATOM 642 H H42    . C A 1 20 ? -10.432 -2.120  7.500   1.00 0.00 ? 20 C A H42    1 
ATOM 643 H H5     . C A 1 20 ? -12.035 -3.860  6.904   1.00 0.00 ? 20 C A H5     1 
ATOM 644 H H6     . C A 1 20 ? -12.556 -6.230  7.162   1.00 0.00 ? 20 C A H6     1 
# 
